data_3E6N
#
_entry.id   3E6N
#
_cell.length_a   213.963
_cell.length_b   213.963
_cell.length_c   112.082
_cell.angle_alpha   90.00
_cell.angle_beta   90.00
_cell.angle_gamma   120.00
#
_symmetry.space_group_name_H-M   'P 61 2 2'
#
loop_
_entity.id
_entity.type
_entity.pdbx_description
1 polymer 'Nitric oxide synthase, inducible'
2 non-polymer 'PROTOPORPHYRIN IX CONTAINING FE'
3 non-polymer 5,6,7,8-TETRAHYDROBIOPTERIN
4 non-polymer 4-METHYL-6-PROPYLPYRIDIN-2-AMINE
5 water water
#
_entity_poly.entity_id   1
_entity_poly.type   'polypeptide(L)'
_entity_poly.pdbx_seq_one_letter_code
;LDKLHVTSTRPQYVRIKNWGSGEILHDTLHHKATSDFTCKSKSCLGSIMNPKSLTRGPRDKPTPLEELLPHAIEFINQYY
GSFKEAKIEEHLARLEAVTKEIETTGTYQLTLDELIFATKMAWRNAPRCIGRIQWSNLQVFDARNCSTAQEMFQHICRHI
LYATNNGNIRSAITVFPQRSDGKHDFRLWNSQLIRYAGYQMPDGTIRGDAATLEFTQLCIDLGWKPRYGRFDVLPLVLQA
DGQDPEVFEIPPDLVLEVTMEHPKYEWFQELGLKWYALPAVANMLLEVGGLEFPACPFNGWYMGTEIGVRDFCDTQRYNI
LEEVGRRMGLETHTLASLWKDRAVTEINVAVLHSFQKQNVTIMDHHTASESFMKHMQNEYRARGGCPADWIWLVPPVSGS
ITPVFHQEMLNYVLSPFYYYQIEPWKTHIWQNE
;
_entity_poly.pdbx_strand_id   A,B
#
loop_
_chem_comp.id
_chem_comp.type
_chem_comp.name
_chem_comp.formula
AS3 non-polymer 4-METHYL-6-PROPYLPYRIDIN-2-AMINE 'C9 H14 N2'
H4B non-polymer 5,6,7,8-TETRAHYDROBIOPTERIN 'C9 H15 N5 O3'
HEM non-polymer 'PROTOPORPHYRIN IX CONTAINING FE' 'C34 H32 Fe N4 O4'
#
# COMPACT_ATOMS: atom_id res chain seq x y z
N GLN A 12 9.66 20.55 13.68
CA GLN A 12 8.31 20.59 13.05
C GLN A 12 8.39 20.00 11.64
N TYR A 13 7.96 20.77 10.65
CA TYR A 13 7.98 20.34 9.27
C TYR A 13 7.79 21.53 8.33
N VAL A 14 7.83 21.28 7.03
CA VAL A 14 7.62 22.32 6.04
C VAL A 14 6.37 21.97 5.24
N ARG A 15 5.45 22.92 5.13
CA ARG A 15 4.22 22.67 4.38
C ARG A 15 4.49 22.82 2.89
N ILE A 16 4.08 21.79 2.15
CA ILE A 16 4.26 21.75 0.70
C ILE A 16 2.86 21.70 0.08
N LYS A 17 2.63 22.50 -0.96
CA LYS A 17 1.33 22.52 -1.60
C LYS A 17 1.31 22.20 -3.09
N ASN A 18 0.32 21.40 -3.49
CA ASN A 18 0.13 21.06 -4.89
C ASN A 18 -1.04 21.96 -5.28
N TRP A 19 -0.77 22.92 -6.16
CA TRP A 19 -1.81 23.85 -6.58
C TRP A 19 -2.79 23.28 -7.58
N GLY A 20 -2.48 22.12 -8.13
CA GLY A 20 -3.38 21.51 -9.10
C GLY A 20 -4.53 20.86 -8.36
N SER A 21 -4.18 19.98 -7.42
CA SER A 21 -5.15 19.26 -6.61
C SER A 21 -5.47 19.95 -5.28
N GLY A 22 -4.63 20.91 -4.91
CA GLY A 22 -4.83 21.62 -3.65
C GLY A 22 -4.34 20.84 -2.44
N GLU A 23 -3.73 19.68 -2.68
CA GLU A 23 -3.22 18.83 -1.61
C GLU A 23 -2.06 19.45 -0.84
N ILE A 24 -1.98 19.11 0.44
CA ILE A 24 -0.90 19.61 1.29
C ILE A 24 -0.14 18.40 1.82
N LEU A 25 1.17 18.54 1.88
CA LEU A 25 2.06 17.49 2.37
C LEU A 25 2.99 18.10 3.40
N HIS A 26 3.46 17.29 4.32
CA HIS A 26 4.35 17.75 5.37
C HIS A 26 5.72 17.12 5.29
N ASP A 27 6.70 17.90 4.87
CA ASP A 27 8.08 17.39 4.73
C ASP A 27 8.92 17.39 5.99
N THR A 28 9.22 16.20 6.51
CA THR A 28 10.07 16.08 7.69
C THR A 28 11.42 15.46 7.33
N LEU A 29 11.45 14.80 6.17
CA LEU A 29 12.64 14.12 5.67
C LEU A 29 13.84 15.02 5.47
N HIS A 30 13.61 16.29 5.13
CA HIS A 30 14.70 17.24 4.91
C HIS A 30 15.62 17.41 6.12
N HIS A 31 15.10 17.14 7.32
CA HIS A 31 15.88 17.27 8.55
C HIS A 31 17.11 16.34 8.59
N LYS A 32 17.16 15.40 7.66
CA LYS A 32 18.25 14.43 7.58
C LYS A 32 19.28 14.72 6.49
N ALA A 33 19.17 15.87 5.84
CA ALA A 33 20.11 16.25 4.78
C ALA A 33 21.45 16.73 5.34
N THR A 34 22.18 17.51 4.53
CA THR A 34 23.48 18.07 4.92
C THR A 34 23.71 19.42 4.24
N SER A 43 20.30 35.65 -2.45
CA SER A 43 21.24 34.64 -2.92
C SER A 43 20.58 33.26 -3.05
N CYS A 44 20.73 32.64 -4.23
CA CYS A 44 20.16 31.32 -4.51
C CYS A 44 20.52 30.80 -5.90
N LEU A 45 21.44 29.83 -5.94
CA LEU A 45 21.88 29.20 -7.18
C LEU A 45 20.78 28.21 -7.60
N GLY A 46 19.78 28.73 -8.31
CA GLY A 46 18.66 27.91 -8.74
C GLY A 46 18.89 27.00 -9.93
N SER A 47 19.08 27.59 -11.09
CA SER A 47 19.28 26.83 -12.31
C SER A 47 20.72 26.45 -12.67
N ILE A 48 21.57 26.28 -11.67
CA ILE A 48 22.95 25.89 -11.92
C ILE A 48 22.99 24.38 -12.17
N MET A 49 23.55 23.99 -13.31
CA MET A 49 23.63 22.59 -13.69
C MET A 49 24.51 21.71 -12.83
N ASN A 50 25.78 22.10 -12.68
CA ASN A 50 26.71 21.30 -11.88
C ASN A 50 27.24 22.07 -10.69
N PRO A 51 26.44 22.21 -9.63
CA PRO A 51 26.91 22.94 -8.45
C PRO A 51 27.74 22.02 -7.55
N LYS A 52 28.68 22.61 -6.80
CA LYS A 52 29.53 21.85 -5.90
C LYS A 52 28.74 20.99 -4.92
N SER A 53 27.55 21.44 -4.53
CA SER A 53 26.72 20.69 -3.60
C SER A 53 26.28 19.32 -4.15
N LEU A 54 26.33 19.17 -5.47
CA LEU A 54 25.97 17.90 -6.09
C LEU A 54 27.19 17.17 -6.63
N THR A 55 28.38 17.63 -6.24
CA THR A 55 29.62 17.05 -6.72
C THR A 55 30.53 16.54 -5.61
N ARG A 56 31.01 15.31 -5.76
CA ARG A 56 31.93 14.72 -4.79
C ARG A 56 33.23 14.50 -5.55
N GLY A 57 34.21 15.39 -5.29
CA GLY A 57 35.49 15.35 -5.96
C GLY A 57 36.50 14.29 -5.58
N PRO A 58 37.74 14.42 -6.10
CA PRO A 58 38.86 13.50 -5.86
C PRO A 58 39.53 13.70 -4.50
N ARG A 59 40.41 12.76 -4.15
CA ARG A 59 41.18 12.81 -2.91
C ARG A 59 42.55 12.18 -3.20
N ASP A 60 43.51 12.44 -2.32
CA ASP A 60 44.84 11.85 -2.47
C ASP A 60 45.20 11.07 -1.21
N LYS A 61 44.38 11.24 -0.17
CA LYS A 61 44.58 10.56 1.10
C LYS A 61 43.27 9.88 1.49
N PRO A 62 43.34 8.77 2.25
CA PRO A 62 42.17 8.01 2.70
C PRO A 62 41.21 8.83 3.56
N THR A 63 39.97 8.37 3.65
CA THR A 63 38.97 9.07 4.46
C THR A 63 39.39 8.99 5.93
N PRO A 64 39.41 10.14 6.62
CA PRO A 64 39.78 10.20 8.04
C PRO A 64 38.84 9.28 8.82
N LEU A 65 39.40 8.56 9.79
CA LEU A 65 38.61 7.62 10.56
C LEU A 65 37.50 8.23 11.37
N GLU A 66 37.75 9.41 11.92
CA GLU A 66 36.75 10.09 12.74
C GLU A 66 35.52 10.49 11.93
N GLU A 67 35.68 10.48 10.60
CA GLU A 67 34.58 10.80 9.69
C GLU A 67 33.94 9.52 9.17
N LEU A 68 34.78 8.57 8.76
CA LEU A 68 34.30 7.31 8.23
C LEU A 68 33.41 6.55 9.20
N LEU A 69 33.86 6.41 10.44
CA LEU A 69 33.11 5.66 11.45
C LEU A 69 31.69 6.15 11.72
N PRO A 70 31.50 7.43 12.11
CA PRO A 70 30.12 7.86 12.35
C PRO A 70 29.23 7.69 11.10
N HIS A 71 29.82 7.87 9.92
CA HIS A 71 29.10 7.69 8.66
C HIS A 71 28.76 6.22 8.44
N ALA A 72 29.69 5.34 8.75
CA ALA A 72 29.45 3.91 8.60
C ALA A 72 28.31 3.49 9.51
N ILE A 73 28.42 3.85 10.79
CA ILE A 73 27.42 3.51 11.82
C ILE A 73 26.04 4.00 11.43
N GLU A 74 25.96 5.23 10.94
CA GLU A 74 24.68 5.77 10.52
C GLU A 74 24.04 4.92 9.42
N PHE A 75 24.85 4.46 8.46
CA PHE A 75 24.32 3.62 7.38
C PHE A 75 23.89 2.26 7.90
N ILE A 76 24.71 1.64 8.74
CA ILE A 76 24.37 0.32 9.30
C ILE A 76 23.03 0.41 10.03
N ASN A 77 22.80 1.53 10.73
CA ASN A 77 21.55 1.72 11.45
C ASN A 77 20.36 1.95 10.53
N GLN A 78 20.60 2.64 9.41
CA GLN A 78 19.55 2.89 8.42
C GLN A 78 19.18 1.54 7.79
N TYR A 79 20.20 0.81 7.35
CA TYR A 79 20.00 -0.50 6.73
C TYR A 79 19.21 -1.45 7.62
N TYR A 80 19.71 -1.69 8.83
CA TYR A 80 18.99 -2.58 9.75
C TYR A 80 17.65 -2.02 10.16
N GLY A 81 17.54 -0.70 10.17
CA GLY A 81 16.29 -0.06 10.55
C GLY A 81 15.32 0.04 9.39
N SER A 82 15.59 -0.69 8.31
CA SER A 82 14.74 -0.66 7.13
C SER A 82 13.80 -1.85 7.05
N PHE A 83 14.12 -2.90 7.79
CA PHE A 83 13.32 -4.12 7.79
C PHE A 83 12.00 -3.95 8.56
N LYS A 84 10.98 -4.70 8.15
CA LYS A 84 9.67 -4.68 8.82
C LYS A 84 9.85 -5.30 10.20
N GLU A 85 10.38 -6.52 10.24
CA GLU A 85 10.66 -7.21 11.50
C GLU A 85 12.15 -7.00 11.78
N ALA A 86 12.43 -6.22 12.82
CA ALA A 86 13.81 -5.92 13.23
C ALA A 86 14.64 -7.14 13.60
N LYS A 87 15.93 -7.09 13.27
CA LYS A 87 16.87 -8.18 13.56
C LYS A 87 18.04 -7.62 14.36
N ILE A 88 17.74 -7.22 15.59
CA ILE A 88 18.69 -6.62 16.54
C ILE A 88 19.99 -7.39 16.76
N GLU A 89 19.89 -8.72 16.84
CA GLU A 89 21.05 -9.56 17.06
C GLU A 89 22.09 -9.36 15.96
N GLU A 90 21.64 -9.42 14.72
CA GLU A 90 22.49 -9.24 13.54
C GLU A 90 22.92 -7.79 13.39
N HIS A 91 22.03 -6.87 13.80
CA HIS A 91 22.29 -5.45 13.74
C HIS A 91 23.46 -5.07 14.63
N LEU A 92 23.41 -5.51 15.89
CA LEU A 92 24.46 -5.25 16.85
C LEU A 92 25.77 -5.93 16.47
N ALA A 93 25.67 -7.09 15.84
CA ALA A 93 26.85 -7.83 15.42
C ALA A 93 27.57 -7.11 14.28
N ARG A 94 26.78 -6.54 13.38
CA ARG A 94 27.32 -5.81 12.22
C ARG A 94 28.02 -4.55 12.68
N LEU A 95 27.43 -3.86 13.65
CA LEU A 95 28.03 -2.64 14.18
C LEU A 95 29.40 -2.98 14.74
N GLU A 96 29.47 -4.10 15.46
CA GLU A 96 30.70 -4.62 16.07
C GLU A 96 31.77 -4.91 15.02
N ALA A 97 31.42 -5.73 14.04
CA ALA A 97 32.34 -6.12 12.96
C ALA A 97 32.81 -4.96 12.09
N VAL A 98 31.90 -4.03 11.80
CA VAL A 98 32.21 -2.86 10.98
C VAL A 98 33.24 -2.00 11.69
N THR A 99 32.99 -1.74 12.97
CA THR A 99 33.90 -0.94 13.78
C THR A 99 35.29 -1.58 13.80
N LYS A 100 35.34 -2.90 13.99
CA LYS A 100 36.61 -3.62 14.05
C LYS A 100 37.32 -3.67 12.71
N GLU A 101 36.55 -3.76 11.63
CA GLU A 101 37.13 -3.82 10.29
C GLU A 101 37.76 -2.46 9.97
N ILE A 102 37.10 -1.38 10.37
CA ILE A 102 37.60 -0.03 10.15
C ILE A 102 38.86 0.14 11.00
N GLU A 103 38.82 -0.38 12.23
CA GLU A 103 39.96 -0.30 13.13
C GLU A 103 41.16 -1.06 12.60
N THR A 104 40.93 -2.29 12.13
CA THR A 104 42.00 -3.12 11.60
C THR A 104 42.43 -2.89 10.16
N THR A 105 41.54 -2.34 9.31
CA THR A 105 41.90 -2.14 7.90
C THR A 105 41.86 -0.71 7.38
N GLY A 106 41.27 0.20 8.14
CA GLY A 106 41.19 1.59 7.70
C GLY A 106 39.96 1.91 6.88
N THR A 107 39.20 0.88 6.52
CA THR A 107 37.98 1.04 5.74
C THR A 107 37.14 -0.20 5.99
N TYR A 108 36.04 -0.34 5.26
CA TYR A 108 35.21 -1.53 5.41
C TYR A 108 34.49 -1.86 4.11
N GLN A 109 34.16 -3.14 3.97
CA GLN A 109 33.43 -3.64 2.82
C GLN A 109 31.94 -3.82 3.15
N LEU A 110 31.07 -3.35 2.26
CA LEU A 110 29.64 -3.53 2.48
C LEU A 110 29.30 -4.97 2.09
N THR A 111 28.22 -5.50 2.66
CA THR A 111 27.78 -6.84 2.28
C THR A 111 26.99 -6.60 0.98
N LEU A 112 26.70 -7.67 0.25
CA LEU A 112 25.94 -7.52 -0.99
C LEU A 112 24.54 -6.93 -0.73
N ASP A 113 23.90 -7.36 0.36
CA ASP A 113 22.58 -6.85 0.67
C ASP A 113 22.59 -5.37 1.03
N GLU A 114 23.66 -4.93 1.68
CA GLU A 114 23.80 -3.52 2.04
C GLU A 114 24.04 -2.73 0.77
N LEU A 115 24.81 -3.29 -0.15
CA LEU A 115 25.10 -2.60 -1.40
C LEU A 115 23.82 -2.43 -2.22
N ILE A 116 23.06 -3.52 -2.33
CA ILE A 116 21.80 -3.53 -3.06
C ILE A 116 20.90 -2.49 -2.43
N PHE A 117 20.83 -2.48 -1.11
CA PHE A 117 20.02 -1.50 -0.39
C PHE A 117 20.53 -0.08 -0.68
N ALA A 118 21.85 0.11 -0.64
CA ALA A 118 22.47 1.41 -0.88
C ALA A 118 22.21 1.97 -2.27
N THR A 119 22.29 1.11 -3.28
CA THR A 119 22.08 1.57 -4.65
C THR A 119 20.65 2.00 -4.93
N LYS A 120 19.69 1.29 -4.33
CA LYS A 120 18.28 1.65 -4.51
C LYS A 120 17.96 2.92 -3.71
N MET A 121 18.49 3.01 -2.49
CA MET A 121 18.25 4.19 -1.67
C MET A 121 18.83 5.44 -2.35
N ALA A 122 20.03 5.33 -2.90
CA ALA A 122 20.66 6.46 -3.57
C ALA A 122 19.77 6.90 -4.73
N TRP A 123 19.23 5.93 -5.46
CA TRP A 123 18.34 6.20 -6.58
C TRP A 123 17.10 6.89 -6.00
N ARG A 124 16.59 6.32 -4.93
CA ARG A 124 15.43 6.86 -4.23
C ARG A 124 15.68 8.32 -3.84
N ASN A 125 16.92 8.62 -3.45
CA ASN A 125 17.31 9.96 -3.06
C ASN A 125 17.76 10.87 -4.21
N ALA A 126 17.66 10.41 -5.46
CA ALA A 126 18.08 11.22 -6.62
C ALA A 126 17.02 12.30 -6.91
N PRO A 127 17.27 13.55 -6.50
CA PRO A 127 16.28 14.59 -6.76
C PRO A 127 15.98 14.95 -8.20
N ARG A 128 16.87 14.55 -9.12
CA ARG A 128 16.68 14.86 -10.53
C ARG A 128 16.06 13.76 -11.36
N CYS A 129 15.63 12.67 -10.72
CA CYS A 129 15.04 11.55 -11.42
C CYS A 129 13.51 11.43 -11.31
N ILE A 130 12.85 11.54 -12.46
CA ILE A 130 11.40 11.45 -12.55
C ILE A 130 10.91 10.00 -12.55
N GLY A 131 11.82 9.05 -12.76
CA GLY A 131 11.45 7.65 -12.82
C GLY A 131 11.58 6.86 -11.53
N ARG A 132 11.72 7.57 -10.42
CA ARG A 132 11.89 6.94 -9.10
C ARG A 132 10.81 6.00 -8.56
N ILE A 133 9.67 5.88 -9.22
CA ILE A 133 8.68 4.95 -8.70
C ILE A 133 9.21 3.51 -8.84
N GLN A 134 10.19 3.33 -9.72
CA GLN A 134 10.82 2.02 -9.99
C GLN A 134 12.01 1.69 -9.10
N TRP A 135 12.35 2.58 -8.16
CA TRP A 135 13.50 2.42 -7.28
C TRP A 135 13.75 1.05 -6.70
N SER A 136 12.70 0.33 -6.32
CA SER A 136 12.83 -1.01 -5.73
C SER A 136 13.18 -2.13 -6.72
N ASN A 137 13.13 -1.84 -8.01
CA ASN A 137 13.46 -2.83 -9.04
C ASN A 137 14.82 -2.46 -9.65
N LEU A 138 15.90 -3.01 -9.10
CA LEU A 138 17.24 -2.71 -9.61
C LEU A 138 18.14 -3.90 -9.52
N GLN A 139 18.70 -4.28 -10.67
CA GLN A 139 19.65 -5.39 -10.75
C GLN A 139 21.01 -4.82 -10.36
N VAL A 140 21.71 -5.53 -9.48
CA VAL A 140 23.01 -5.07 -9.04
C VAL A 140 24.12 -6.04 -9.40
N PHE A 141 25.07 -5.56 -10.18
CA PHE A 141 26.21 -6.35 -10.59
C PHE A 141 27.36 -5.94 -9.70
N ASP A 142 27.84 -6.88 -8.90
CA ASP A 142 28.95 -6.63 -7.99
C ASP A 142 30.29 -6.83 -8.67
N ALA A 143 30.95 -5.74 -9.06
CA ALA A 143 32.26 -5.83 -9.68
C ALA A 143 33.33 -5.28 -8.75
N ARG A 144 33.08 -5.35 -7.44
CA ARG A 144 34.02 -4.85 -6.45
C ARG A 144 35.36 -5.61 -6.41
N ASN A 145 35.40 -6.75 -7.07
CA ASN A 145 36.61 -7.56 -7.14
C ASN A 145 37.38 -7.29 -8.44
N CYS A 146 36.85 -6.38 -9.27
CA CYS A 146 37.47 -6.03 -10.55
C CYS A 146 38.89 -5.52 -10.35
N SER A 147 39.77 -5.78 -11.31
CA SER A 147 41.14 -5.36 -11.16
C SER A 147 41.72 -4.65 -12.37
N THR A 148 41.35 -5.11 -13.56
CA THR A 148 41.89 -4.53 -14.79
C THR A 148 40.89 -3.86 -15.69
N ALA A 149 41.41 -3.00 -16.57
CA ALA A 149 40.59 -2.26 -17.53
C ALA A 149 39.79 -3.24 -18.37
N GLN A 150 40.46 -4.30 -18.81
CA GLN A 150 39.84 -5.34 -19.63
C GLN A 150 38.65 -5.96 -18.90
N GLU A 151 38.79 -6.08 -17.57
CA GLU A 151 37.73 -6.64 -16.74
C GLU A 151 36.57 -5.67 -16.57
N MET A 152 36.89 -4.38 -16.45
CA MET A 152 35.84 -3.37 -16.33
C MET A 152 34.99 -3.52 -17.57
N PHE A 153 35.69 -3.53 -18.72
CA PHE A 153 35.09 -3.64 -20.03
C PHE A 153 34.17 -4.85 -20.16
N GLN A 154 34.60 -5.99 -19.63
CA GLN A 154 33.79 -7.19 -19.72
C GLN A 154 32.51 -7.02 -18.91
N HIS A 155 32.65 -6.39 -17.74
CA HIS A 155 31.49 -6.14 -16.88
C HIS A 155 30.52 -5.17 -17.57
N ILE A 156 31.08 -4.13 -18.19
CA ILE A 156 30.28 -3.14 -18.88
C ILE A 156 29.49 -3.78 -20.01
N CYS A 157 30.12 -4.72 -20.74
CA CYS A 157 29.43 -5.42 -21.82
C CYS A 157 28.31 -6.29 -21.28
N ARG A 158 28.58 -6.96 -20.16
CA ARG A 158 27.59 -7.82 -19.52
C ARG A 158 26.42 -6.95 -19.07
N HIS A 159 26.74 -5.73 -18.63
CA HIS A 159 25.72 -4.81 -18.17
C HIS A 159 24.83 -4.38 -19.33
N ILE A 160 25.43 -3.77 -20.34
CA ILE A 160 24.72 -3.31 -21.52
C ILE A 160 23.81 -4.41 -22.06
N LEU A 161 24.33 -5.63 -22.10
CA LEU A 161 23.59 -6.78 -22.62
C LEU A 161 22.38 -7.16 -21.76
N TYR A 162 22.58 -7.18 -20.45
CA TYR A 162 21.51 -7.53 -19.53
C TYR A 162 20.42 -6.48 -19.55
N ALA A 163 20.84 -5.23 -19.40
CA ALA A 163 19.94 -4.08 -19.37
C ALA A 163 19.12 -3.98 -20.64
N THR A 164 19.79 -4.11 -21.78
CA THR A 164 19.13 -4.01 -23.09
C THR A 164 18.04 -5.04 -23.31
N ASN A 165 18.33 -6.29 -22.96
CA ASN A 165 17.36 -7.37 -23.07
C ASN A 165 16.52 -7.41 -24.35
N ASN A 166 17.12 -7.04 -25.48
CA ASN A 166 16.45 -7.06 -26.78
C ASN A 166 15.30 -6.03 -26.87
N GLY A 167 15.43 -4.94 -26.12
CA GLY A 167 14.39 -3.93 -26.13
C GLY A 167 13.55 -3.89 -24.86
N ASN A 168 13.39 -5.03 -24.19
CA ASN A 168 12.64 -5.05 -22.95
C ASN A 168 13.61 -4.60 -21.85
N ILE A 169 13.96 -3.32 -21.89
CA ILE A 169 14.90 -2.72 -20.95
C ILE A 169 14.69 -3.05 -19.48
N ARG A 170 15.80 -3.32 -18.81
CA ARG A 170 15.82 -3.64 -17.38
C ARG A 170 16.80 -2.68 -16.71
N SER A 171 16.41 -2.15 -15.55
CA SER A 171 17.24 -1.22 -14.80
C SER A 171 18.33 -1.98 -14.11
N ALA A 172 19.56 -1.48 -14.26
CA ALA A 172 20.72 -2.12 -13.67
C ALA A 172 21.82 -1.15 -13.30
N ILE A 173 22.73 -1.63 -12.46
CA ILE A 173 23.89 -0.85 -12.03
C ILE A 173 25.03 -1.84 -11.77
N THR A 174 26.25 -1.42 -12.10
CA THR A 174 27.43 -2.25 -11.88
C THR A 174 28.35 -1.46 -10.96
N VAL A 175 28.70 -2.06 -9.83
CA VAL A 175 29.56 -1.39 -8.86
C VAL A 175 31.00 -1.89 -8.93
N PHE A 176 31.92 -0.99 -9.23
CA PHE A 176 33.34 -1.34 -9.30
C PHE A 176 33.96 -1.06 -7.93
N PRO A 177 35.26 -1.40 -7.74
CA PRO A 177 35.93 -1.17 -6.45
C PRO A 177 35.80 0.24 -5.91
N GLN A 178 35.60 0.35 -4.59
CA GLN A 178 35.46 1.65 -3.92
C GLN A 178 36.80 2.37 -3.86
N ARG A 179 36.72 3.69 -3.74
CA ARG A 179 37.91 4.51 -3.62
C ARG A 179 38.64 4.13 -2.34
N SER A 180 39.95 3.88 -2.46
CA SER A 180 40.77 3.53 -1.32
C SER A 180 41.46 4.80 -0.82
N ASP A 181 42.54 5.18 -1.48
CA ASP A 181 43.27 6.39 -1.09
C ASP A 181 43.05 7.54 -2.07
N GLY A 182 42.29 7.28 -3.13
CA GLY A 182 42.04 8.33 -4.10
C GLY A 182 43.06 8.39 -5.23
N LYS A 183 44.05 7.51 -5.18
CA LYS A 183 45.08 7.44 -6.20
C LYS A 183 44.97 6.15 -6.98
N HIS A 184 43.89 5.42 -6.74
CA HIS A 184 43.64 4.16 -7.40
C HIS A 184 42.19 4.05 -7.89
N ASP A 185 41.59 5.19 -8.20
CA ASP A 185 40.20 5.25 -8.64
C ASP A 185 39.84 4.53 -9.93
N PHE A 186 38.75 3.77 -9.90
CA PHE A 186 38.23 3.14 -11.09
C PHE A 186 37.29 4.23 -11.63
N ARG A 187 37.46 4.62 -12.89
CA ARG A 187 36.64 5.66 -13.48
C ARG A 187 36.29 5.37 -14.94
N LEU A 188 35.09 5.80 -15.36
CA LEU A 188 34.67 5.68 -16.75
C LEU A 188 34.72 7.14 -17.22
N TRP A 189 35.52 7.40 -18.24
CA TRP A 189 35.66 8.76 -18.73
C TRP A 189 34.45 9.23 -19.53
N ASN A 190 33.64 8.27 -19.97
CA ASN A 190 32.42 8.58 -20.72
C ASN A 190 31.35 9.16 -19.78
N SER A 191 30.45 9.95 -20.36
CA SER A 191 29.36 10.51 -19.58
C SER A 191 28.22 9.50 -19.56
N GLN A 192 28.09 8.75 -20.66
CA GLN A 192 27.07 7.70 -20.78
C GLN A 192 27.71 6.45 -21.37
N LEU A 193 27.20 5.27 -21.03
CA LEU A 193 27.79 4.05 -21.58
C LEU A 193 27.75 4.09 -23.10
N ILE A 194 26.56 4.34 -23.64
CA ILE A 194 26.34 4.42 -25.09
C ILE A 194 25.99 5.84 -25.46
N ARG A 195 26.77 6.40 -26.37
CA ARG A 195 26.60 7.78 -26.81
C ARG A 195 27.18 7.94 -28.21
N TYR A 196 26.78 8.99 -28.92
CA TYR A 196 27.30 9.21 -30.27
C TYR A 196 28.43 10.20 -30.29
N ALA A 197 29.27 10.10 -31.31
CA ALA A 197 30.41 10.97 -31.48
C ALA A 197 30.00 12.30 -32.11
N GLY A 198 30.81 13.33 -31.90
CA GLY A 198 30.54 14.64 -32.46
C GLY A 198 31.77 15.14 -33.20
N TYR A 199 31.57 15.48 -34.48
CA TYR A 199 32.68 15.95 -35.32
C TYR A 199 32.52 17.36 -35.84
N GLN A 200 33.62 18.09 -35.83
CA GLN A 200 33.69 19.47 -36.31
C GLN A 200 34.07 19.45 -37.81
N MET A 201 33.14 19.02 -38.66
CA MET A 201 33.33 18.93 -40.11
C MET A 201 33.91 20.23 -40.69
N PRO A 202 34.64 20.14 -41.82
CA PRO A 202 35.28 21.28 -42.50
C PRO A 202 34.38 22.47 -42.84
N ASP A 203 33.24 22.18 -43.45
CA ASP A 203 32.24 23.18 -43.87
C ASP A 203 31.54 24.00 -42.78
N GLY A 204 32.16 24.09 -41.60
CA GLY A 204 31.60 24.86 -40.49
C GLY A 204 30.54 24.17 -39.67
N THR A 205 29.83 23.22 -40.29
CA THR A 205 28.77 22.49 -39.61
C THR A 205 29.28 21.30 -38.80
N ILE A 206 28.74 21.14 -37.60
CA ILE A 206 29.08 20.04 -36.71
C ILE A 206 28.29 18.83 -37.19
N ARG A 207 28.85 17.64 -37.03
CA ARG A 207 28.16 16.41 -37.44
C ARG A 207 27.99 15.46 -36.24
N GLY A 208 26.82 14.83 -36.17
CA GLY A 208 26.54 13.91 -35.09
C GLY A 208 25.91 14.57 -33.85
N ASP A 209 26.56 14.40 -32.70
CA ASP A 209 26.12 14.94 -31.40
C ASP A 209 27.15 15.95 -30.91
N ALA A 210 26.85 17.23 -31.13
CA ALA A 210 27.73 18.35 -30.73
C ALA A 210 28.08 18.38 -29.25
N ALA A 211 27.29 17.70 -28.42
CA ALA A 211 27.53 17.67 -26.99
C ALA A 211 28.82 16.93 -26.64
N THR A 212 29.11 15.88 -27.41
CA THR A 212 30.31 15.08 -27.19
C THR A 212 31.51 15.48 -28.05
N LEU A 213 31.67 16.79 -28.30
CA LEU A 213 32.79 17.26 -29.12
C LEU A 213 34.15 17.07 -28.47
N GLU A 214 34.33 17.68 -27.30
CA GLU A 214 35.59 17.59 -26.57
C GLU A 214 35.94 16.13 -26.26
N PHE A 215 34.95 15.34 -25.87
CA PHE A 215 35.22 13.94 -25.56
C PHE A 215 35.64 13.15 -26.78
N THR A 216 35.00 13.41 -27.92
CA THR A 216 35.33 12.70 -29.17
C THR A 216 36.81 12.89 -29.51
N GLN A 217 37.30 14.10 -29.34
CA GLN A 217 38.70 14.40 -29.61
C GLN A 217 39.58 13.58 -28.68
N LEU A 218 39.20 13.52 -27.41
CA LEU A 218 39.95 12.76 -26.42
C LEU A 218 40.09 11.33 -26.86
N CYS A 219 39.01 10.75 -27.37
CA CYS A 219 39.01 9.39 -27.85
C CYS A 219 39.96 9.23 -29.04
N ILE A 220 40.12 10.30 -29.80
CA ILE A 220 41.00 10.28 -30.96
C ILE A 220 42.45 10.36 -30.49
N ASP A 221 42.70 11.12 -29.44
CA ASP A 221 44.03 11.25 -28.87
C ASP A 221 44.47 9.91 -28.32
N LEU A 222 43.51 9.09 -27.93
CA LEU A 222 43.80 7.78 -27.37
C LEU A 222 43.76 6.69 -28.45
N GLY A 223 43.73 7.13 -29.72
CA GLY A 223 43.75 6.20 -30.82
C GLY A 223 42.47 5.65 -31.41
N TRP A 224 41.32 6.16 -31.00
CA TRP A 224 40.05 5.66 -31.55
C TRP A 224 39.88 6.06 -33.00
N LYS A 225 39.40 5.13 -33.82
CA LYS A 225 39.20 5.39 -35.25
C LYS A 225 37.92 6.13 -35.60
N PRO A 226 38.03 7.40 -36.02
CA PRO A 226 36.88 8.24 -36.40
C PRO A 226 36.17 7.65 -37.61
N ARG A 227 34.85 7.61 -37.57
CA ARG A 227 34.07 7.06 -38.68
C ARG A 227 33.18 8.14 -39.31
N TYR A 228 33.44 9.38 -38.89
CA TYR A 228 32.75 10.60 -39.33
C TYR A 228 31.29 10.53 -39.76
N GLY A 229 30.46 9.87 -38.96
CA GLY A 229 29.04 9.75 -39.25
C GLY A 229 28.22 10.60 -38.29
N ARG A 230 26.90 10.49 -38.38
CA ARG A 230 26.00 11.25 -37.51
C ARG A 230 25.60 10.44 -36.29
N PHE A 231 25.79 9.13 -36.36
CA PHE A 231 25.44 8.25 -35.27
C PHE A 231 26.57 7.26 -34.92
N ASP A 232 27.79 7.77 -34.77
CA ASP A 232 28.93 6.90 -34.42
C ASP A 232 29.00 6.64 -32.92
N VAL A 233 28.68 5.42 -32.51
CA VAL A 233 28.75 5.04 -31.10
C VAL A 233 30.19 5.15 -30.63
N LEU A 234 30.42 6.03 -29.66
CA LEU A 234 31.73 6.26 -29.08
C LEU A 234 32.22 5.03 -28.30
N PRO A 235 33.54 4.96 -28.02
CA PRO A 235 34.13 3.83 -27.28
C PRO A 235 34.16 4.05 -25.75
N LEU A 236 34.20 2.95 -25.01
CA LEU A 236 34.30 3.01 -23.56
C LEU A 236 35.74 3.38 -23.23
N VAL A 237 35.93 4.41 -22.41
CA VAL A 237 37.26 4.85 -21.99
C VAL A 237 37.38 4.54 -20.51
N LEU A 238 37.97 3.38 -20.20
CA LEU A 238 38.10 2.90 -18.83
C LEU A 238 39.43 3.08 -18.12
N GLN A 239 39.34 3.67 -16.94
CA GLN A 239 40.46 3.90 -16.04
C GLN A 239 40.31 2.86 -14.93
N ALA A 240 41.32 2.00 -14.78
CA ALA A 240 41.28 0.96 -13.76
C ALA A 240 42.40 1.12 -12.76
N ASP A 241 42.05 1.06 -11.47
CA ASP A 241 43.01 1.18 -10.38
C ASP A 241 43.94 2.40 -10.50
N GLY A 242 43.35 3.55 -10.82
CA GLY A 242 44.11 4.78 -10.95
C GLY A 242 45.02 4.92 -12.15
N GLN A 243 45.06 3.90 -13.01
CA GLN A 243 45.93 3.94 -14.18
C GLN A 243 45.36 4.65 -15.39
N ASP A 244 46.22 4.89 -16.37
CA ASP A 244 45.83 5.57 -17.60
C ASP A 244 44.67 4.80 -18.24
N PRO A 245 43.67 5.52 -18.78
CA PRO A 245 42.50 4.95 -19.44
C PRO A 245 42.79 4.18 -20.72
N GLU A 246 42.05 3.09 -20.92
CA GLU A 246 42.20 2.27 -22.10
C GLU A 246 40.93 2.34 -22.93
N VAL A 247 41.12 2.48 -24.23
CA VAL A 247 40.03 2.57 -25.18
C VAL A 247 39.50 1.20 -25.56
N PHE A 248 38.18 1.05 -25.54
CA PHE A 248 37.52 -0.22 -25.90
C PHE A 248 36.27 0.09 -26.72
N GLU A 249 36.18 -0.46 -27.92
CA GLU A 249 35.00 -0.24 -28.73
C GLU A 249 33.90 -1.16 -28.22
N ILE A 250 32.66 -0.69 -28.28
CA ILE A 250 31.55 -1.50 -27.80
C ILE A 250 31.06 -2.37 -28.95
N PRO A 251 31.01 -3.69 -28.72
CA PRO A 251 30.55 -4.65 -29.74
C PRO A 251 29.17 -4.23 -30.25
N PRO A 252 29.12 -3.78 -31.52
CA PRO A 252 27.88 -3.34 -32.17
C PRO A 252 26.67 -4.21 -31.95
N ASP A 253 26.88 -5.48 -31.67
CA ASP A 253 25.77 -6.39 -31.42
C ASP A 253 25.03 -5.99 -30.15
N LEU A 254 25.79 -5.48 -29.17
CA LEU A 254 25.25 -5.06 -27.88
C LEU A 254 24.46 -3.75 -27.90
N VAL A 255 24.75 -2.89 -28.87
CA VAL A 255 24.11 -1.59 -29.04
C VAL A 255 22.81 -1.63 -29.87
N LEU A 256 21.68 -1.76 -29.16
CA LEU A 256 20.36 -1.78 -29.79
C LEU A 256 19.99 -0.36 -30.14
N GLU A 257 19.36 -0.17 -31.31
CA GLU A 257 18.95 1.16 -31.75
C GLU A 257 17.54 1.16 -32.31
N VAL A 258 16.95 2.35 -32.36
CA VAL A 258 15.59 2.51 -32.87
C VAL A 258 15.57 3.45 -34.06
N THR A 259 14.99 2.98 -35.16
CA THR A 259 14.88 3.75 -36.40
C THR A 259 13.68 4.68 -36.23
N MET A 260 13.89 5.98 -36.47
CA MET A 260 12.80 6.95 -36.31
C MET A 260 11.83 6.98 -37.48
N GLU A 261 10.57 6.63 -37.21
CA GLU A 261 9.52 6.60 -38.21
C GLU A 261 8.22 7.25 -37.71
N HIS A 262 7.73 8.24 -38.45
CA HIS A 262 6.49 8.92 -38.10
C HIS A 262 5.34 8.08 -38.67
N PRO A 263 4.29 7.86 -37.87
CA PRO A 263 3.15 7.07 -38.34
C PRO A 263 2.27 7.71 -39.43
N LYS A 264 2.70 8.86 -39.96
CA LYS A 264 1.93 9.54 -41.00
C LYS A 264 2.82 10.25 -42.01
N TYR A 265 3.80 11.00 -41.54
CA TYR A 265 4.72 11.69 -42.44
C TYR A 265 5.81 10.71 -42.86
N GLU A 266 5.53 9.91 -43.90
CA GLU A 266 6.49 8.93 -44.40
C GLU A 266 7.84 9.51 -44.76
N TRP A 267 7.88 10.84 -44.87
CA TRP A 267 9.12 11.54 -45.19
C TRP A 267 10.01 11.64 -43.97
N PHE A 268 9.49 11.21 -42.81
CA PHE A 268 10.27 11.28 -41.58
C PHE A 268 11.50 10.37 -41.63
N GLN A 269 11.33 9.17 -42.18
CA GLN A 269 12.43 8.21 -42.34
C GLN A 269 13.52 8.81 -43.22
N GLU A 270 13.11 9.62 -44.19
CA GLU A 270 14.04 10.26 -45.10
C GLU A 270 15.03 11.14 -44.36
N LEU A 271 14.77 11.37 -43.08
CA LEU A 271 15.67 12.18 -42.25
C LEU A 271 16.86 11.33 -41.84
N GLY A 272 16.65 10.01 -41.80
CA GLY A 272 17.70 9.08 -41.43
C GLY A 272 18.12 9.24 -39.99
N LEU A 273 17.12 9.29 -39.10
CA LEU A 273 17.36 9.46 -37.67
C LEU A 273 17.16 8.18 -36.91
N LYS A 274 17.87 8.08 -35.79
CA LYS A 274 17.77 6.94 -34.90
C LYS A 274 18.35 7.33 -33.54
N TRP A 275 18.17 6.45 -32.56
CA TRP A 275 18.71 6.70 -31.22
C TRP A 275 18.90 5.40 -30.47
N TYR A 276 19.89 5.37 -29.58
CA TYR A 276 20.15 4.17 -28.78
C TYR A 276 19.03 3.97 -27.78
N ALA A 277 18.68 2.71 -27.54
CA ALA A 277 17.61 2.39 -26.64
C ALA A 277 18.03 2.38 -25.17
N LEU A 278 19.32 2.52 -24.90
CA LEU A 278 19.79 2.44 -23.53
C LEU A 278 20.42 3.67 -22.90
N PRO A 279 19.68 4.31 -21.98
CA PRO A 279 20.18 5.51 -21.27
C PRO A 279 20.95 4.99 -20.03
N ALA A 280 22.27 5.13 -20.07
CA ALA A 280 23.11 4.65 -18.97
C ALA A 280 24.10 5.71 -18.54
N VAL A 281 23.98 6.15 -17.29
CA VAL A 281 24.89 7.16 -16.75
C VAL A 281 26.19 6.44 -16.41
N ALA A 282 27.31 7.01 -16.86
CA ALA A 282 28.60 6.37 -16.65
C ALA A 282 29.59 7.05 -15.72
N ASN A 283 29.42 8.35 -15.48
CA ASN A 283 30.37 9.10 -14.66
C ASN A 283 29.99 9.58 -13.27
N MET A 284 28.95 9.03 -12.67
CA MET A 284 28.59 9.50 -11.35
C MET A 284 29.26 8.71 -10.25
N LEU A 285 29.27 9.27 -9.05
CA LEU A 285 29.90 8.63 -7.91
C LEU A 285 28.83 8.24 -6.87
N LEU A 286 28.90 7.01 -6.38
CA LEU A 286 27.97 6.56 -5.35
C LEU A 286 28.61 6.72 -3.98
N GLU A 287 27.95 7.48 -3.12
CA GLU A 287 28.40 7.71 -1.76
C GLU A 287 27.48 6.96 -0.83
N VAL A 288 28.07 6.21 0.09
CA VAL A 288 27.29 5.46 1.06
C VAL A 288 28.11 5.07 2.27
N GLY A 289 27.55 5.35 3.46
CA GLY A 289 28.16 5.02 4.72
C GLY A 289 29.60 5.43 4.85
N GLY A 290 29.94 6.59 4.29
CA GLY A 290 31.30 7.05 4.35
C GLY A 290 32.19 6.55 3.24
N LEU A 291 31.70 5.62 2.42
CA LEU A 291 32.46 5.07 1.29
C LEU A 291 32.11 5.81 0.00
N GLU A 292 32.98 5.69 -0.98
CA GLU A 292 32.76 6.33 -2.27
C GLU A 292 33.10 5.37 -3.40
N PHE A 293 32.22 5.32 -4.40
CA PHE A 293 32.40 4.45 -5.56
C PHE A 293 32.46 5.36 -6.78
N PRO A 294 33.68 5.73 -7.21
CA PRO A 294 33.87 6.62 -8.36
C PRO A 294 33.42 6.02 -9.69
N ALA A 295 33.10 4.74 -9.69
CA ALA A 295 32.66 4.07 -10.90
C ALA A 295 31.53 3.12 -10.58
N CYS A 296 30.34 3.45 -11.09
CA CYS A 296 29.13 2.65 -10.82
C CYS A 296 28.08 3.01 -11.87
N PRO A 297 28.34 2.67 -13.15
CA PRO A 297 27.39 2.98 -14.22
C PRO A 297 26.01 2.39 -13.97
N PHE A 298 24.98 3.15 -14.30
CA PHE A 298 23.61 2.69 -14.09
C PHE A 298 22.70 3.13 -15.23
N ASN A 299 21.64 2.35 -15.43
CA ASN A 299 20.67 2.66 -16.49
C ASN A 299 19.25 2.38 -16.03
N GLY A 300 18.31 2.94 -16.79
CA GLY A 300 16.89 2.73 -16.60
C GLY A 300 16.41 2.70 -18.04
N TRP A 301 15.20 3.20 -18.31
CA TRP A 301 14.73 3.29 -19.70
C TRP A 301 14.42 4.74 -20.02
N TYR A 302 14.36 5.05 -21.30
CA TYR A 302 14.11 6.40 -21.77
C TYR A 302 12.70 6.96 -21.55
N MET A 303 12.64 8.29 -21.46
CA MET A 303 11.38 9.01 -21.38
C MET A 303 11.45 9.75 -22.72
N GLY A 304 10.38 9.65 -23.50
CA GLY A 304 10.32 10.25 -24.82
C GLY A 304 10.99 11.57 -25.12
N THR A 305 10.71 12.57 -24.29
CA THR A 305 11.26 13.92 -24.45
C THR A 305 12.79 14.06 -24.41
N GLU A 306 13.47 13.09 -23.81
CA GLU A 306 14.92 13.15 -23.71
C GLU A 306 15.52 13.15 -25.11
N ILE A 307 14.96 12.27 -25.94
CA ILE A 307 15.38 12.10 -27.31
C ILE A 307 14.76 13.12 -28.25
N GLY A 308 13.44 13.09 -28.33
CA GLY A 308 12.72 13.99 -29.22
C GLY A 308 12.94 15.47 -29.04
N VAL A 309 13.01 15.90 -27.78
CA VAL A 309 13.15 17.33 -27.49
C VAL A 309 14.55 17.80 -27.18
N ARG A 310 15.25 17.07 -26.31
CA ARG A 310 16.59 17.48 -25.92
C ARG A 310 17.64 17.06 -26.95
N ASP A 311 17.76 15.77 -27.18
CA ASP A 311 18.75 15.24 -28.12
C ASP A 311 18.57 15.75 -29.56
N PHE A 312 17.33 15.70 -30.07
CA PHE A 312 17.06 16.15 -31.43
C PHE A 312 16.90 17.66 -31.64
N CYS A 313 16.19 18.34 -30.74
CA CYS A 313 15.95 19.77 -30.92
C CYS A 313 16.82 20.81 -30.24
N ASP A 314 17.61 20.44 -29.24
CA ASP A 314 18.50 21.45 -28.63
C ASP A 314 19.44 21.94 -29.71
N THR A 315 19.68 23.25 -29.75
CA THR A 315 20.57 23.79 -30.76
C THR A 315 22.01 23.33 -30.54
N GLN A 316 22.35 22.93 -29.31
CA GLN A 316 23.70 22.46 -28.99
C GLN A 316 23.80 20.93 -29.18
N ARG A 317 22.73 20.34 -29.70
CA ARG A 317 22.68 18.90 -29.97
C ARG A 317 22.42 18.71 -31.46
N TYR A 318 21.56 17.77 -31.84
CA TYR A 318 21.31 17.56 -33.27
C TYR A 318 20.71 18.74 -34.03
N ASN A 319 19.94 19.59 -33.35
CA ASN A 319 19.32 20.79 -33.94
C ASN A 319 18.54 20.51 -35.24
N ILE A 320 17.59 19.58 -35.20
CA ILE A 320 16.82 19.23 -36.40
C ILE A 320 15.52 20.03 -36.59
N LEU A 321 15.12 20.78 -35.56
CA LEU A 321 13.86 21.55 -35.54
C LEU A 321 13.35 22.24 -36.80
N GLU A 322 14.17 23.11 -37.43
CA GLU A 322 13.76 23.81 -38.64
C GLU A 322 13.54 22.89 -39.83
N GLU A 323 14.46 21.95 -40.01
CA GLU A 323 14.40 20.98 -41.11
C GLU A 323 13.08 20.22 -41.06
N VAL A 324 12.64 19.88 -39.84
CA VAL A 324 11.38 19.17 -39.65
C VAL A 324 10.22 20.15 -39.84
N GLY A 325 10.50 21.43 -39.59
CA GLY A 325 9.49 22.45 -39.75
C GLY A 325 9.18 22.63 -41.22
N ARG A 326 10.22 22.95 -42.00
CA ARG A 326 10.12 23.14 -43.44
C ARG A 326 9.37 21.97 -44.05
N ARG A 327 9.78 20.78 -43.66
CA ARG A 327 9.22 19.52 -44.13
C ARG A 327 7.73 19.39 -43.85
N MET A 328 7.27 19.97 -42.73
CA MET A 328 5.86 19.91 -42.36
C MET A 328 5.04 20.98 -43.09
N GLY A 329 5.72 21.80 -43.88
CA GLY A 329 5.06 22.87 -44.62
C GLY A 329 4.52 23.90 -43.66
N LEU A 330 5.40 24.42 -42.80
CA LEU A 330 5.02 25.40 -41.79
C LEU A 330 5.79 26.70 -41.98
N GLU A 331 5.24 27.77 -41.42
CA GLU A 331 5.83 29.11 -41.51
C GLU A 331 7.05 29.17 -40.60
N THR A 332 8.15 28.58 -41.05
CA THR A 332 9.38 28.53 -40.27
C THR A 332 10.16 29.85 -40.16
N HIS A 333 9.56 30.96 -40.56
CA HIS A 333 10.23 32.25 -40.48
C HIS A 333 9.48 33.26 -39.62
N THR A 334 8.35 32.81 -39.08
CA THR A 334 7.49 33.60 -38.22
C THR A 334 7.28 32.82 -36.92
N LEU A 335 8.02 33.22 -35.88
CA LEU A 335 7.96 32.57 -34.56
C LEU A 335 6.52 32.51 -34.04
N ALA A 336 5.84 33.64 -34.14
CA ALA A 336 4.47 33.78 -33.68
C ALA A 336 3.54 32.71 -34.23
N SER A 337 3.92 32.11 -35.36
CA SER A 337 3.08 31.07 -35.98
C SER A 337 3.05 29.82 -35.13
N LEU A 338 3.99 29.73 -34.18
CA LEU A 338 4.10 28.59 -33.27
C LEU A 338 4.52 27.31 -34.01
N TRP A 339 5.34 27.48 -35.05
CA TRP A 339 5.79 26.35 -35.86
C TRP A 339 6.68 25.40 -35.05
N LYS A 340 7.54 25.96 -34.20
CA LYS A 340 8.43 25.16 -33.35
C LYS A 340 7.57 24.27 -32.46
N ASP A 341 6.43 24.80 -32.03
CA ASP A 341 5.52 24.04 -31.20
C ASP A 341 4.94 22.86 -31.94
N ARG A 342 4.49 23.09 -33.18
CA ARG A 342 3.89 22.04 -33.99
C ARG A 342 4.85 20.92 -34.37
N ALA A 343 6.07 21.30 -34.74
CA ALA A 343 7.11 20.37 -35.14
C ALA A 343 7.54 19.42 -34.02
N VAL A 344 8.01 20.00 -32.91
CA VAL A 344 8.49 19.22 -31.77
C VAL A 344 7.49 18.16 -31.30
N THR A 345 6.19 18.42 -31.51
CA THR A 345 5.17 17.46 -31.11
C THR A 345 5.17 16.24 -32.03
N GLU A 346 5.38 16.47 -33.33
CA GLU A 346 5.41 15.36 -34.28
C GLU A 346 6.68 14.52 -34.06
N ILE A 347 7.79 15.18 -33.74
CA ILE A 347 9.04 14.48 -33.45
C ILE A 347 8.81 13.58 -32.23
N ASN A 348 8.16 14.11 -31.20
CA ASN A 348 7.89 13.31 -30.01
C ASN A 348 6.96 12.17 -30.35
N VAL A 349 6.09 12.38 -31.34
CA VAL A 349 5.17 11.34 -31.79
C VAL A 349 5.98 10.29 -32.55
N ALA A 350 6.96 10.75 -33.33
CA ALA A 350 7.83 9.88 -34.09
C ALA A 350 8.56 8.95 -33.13
N VAL A 351 9.31 9.56 -32.21
CA VAL A 351 10.08 8.84 -31.21
C VAL A 351 9.26 7.78 -30.48
N LEU A 352 8.15 8.19 -29.89
CA LEU A 352 7.30 7.26 -29.16
C LEU A 352 6.79 6.16 -30.06
N HIS A 353 6.37 6.54 -31.26
CA HIS A 353 5.85 5.58 -32.24
C HIS A 353 6.90 4.52 -32.56
N SER A 354 8.08 4.98 -32.97
CA SER A 354 9.19 4.11 -33.30
C SER A 354 9.56 3.11 -32.19
N PHE A 355 9.86 3.62 -31.00
CA PHE A 355 10.20 2.73 -29.88
C PHE A 355 9.14 1.67 -29.65
N GLN A 356 7.87 2.09 -29.61
CA GLN A 356 6.76 1.18 -29.38
C GLN A 356 6.63 0.08 -30.44
N LYS A 357 6.91 0.45 -31.68
CA LYS A 357 6.82 -0.49 -32.78
C LYS A 357 7.91 -1.55 -32.69
N GLN A 358 9.15 -1.08 -32.54
CA GLN A 358 10.32 -1.96 -32.45
C GLN A 358 10.48 -2.62 -31.09
N ASN A 359 9.40 -2.60 -30.31
CA ASN A 359 9.34 -3.17 -28.97
C ASN A 359 10.40 -2.76 -27.96
N VAL A 360 10.88 -1.52 -28.09
CA VAL A 360 11.88 -0.97 -27.17
C VAL A 360 11.15 -0.14 -26.10
N THR A 361 11.34 -0.51 -24.84
CA THR A 361 10.70 0.18 -23.72
C THR A 361 10.88 1.70 -23.73
N ILE A 362 9.78 2.40 -23.49
CA ILE A 362 9.80 3.86 -23.45
C ILE A 362 8.58 4.38 -22.71
N MET A 363 8.71 5.55 -22.12
CA MET A 363 7.63 6.17 -21.35
C MET A 363 7.47 7.59 -21.86
N ASP A 364 6.24 8.01 -22.13
CA ASP A 364 6.00 9.38 -22.59
C ASP A 364 6.02 10.26 -21.34
N HIS A 365 6.27 11.56 -21.52
CA HIS A 365 6.35 12.48 -20.39
C HIS A 365 5.11 12.68 -19.53
N HIS A 366 3.92 12.54 -20.10
CA HIS A 366 2.70 12.71 -19.31
C HIS A 366 2.53 11.53 -18.33
N THR A 367 2.71 10.32 -18.85
CA THR A 367 2.61 9.12 -18.02
C THR A 367 3.67 9.13 -16.92
N ALA A 368 4.88 9.56 -17.28
CA ALA A 368 6.01 9.63 -16.35
C ALA A 368 5.67 10.54 -15.17
N SER A 369 5.23 11.75 -15.51
CA SER A 369 4.83 12.76 -14.53
C SER A 369 3.77 12.23 -13.58
N GLU A 370 2.74 11.59 -14.12
CA GLU A 370 1.69 11.06 -13.25
C GLU A 370 2.30 10.02 -12.33
N SER A 371 3.21 9.22 -12.90
CA SER A 371 3.91 8.18 -12.15
C SER A 371 4.76 8.80 -11.03
N PHE A 372 5.45 9.89 -11.32
CA PHE A 372 6.26 10.53 -10.30
C PHE A 372 5.38 11.12 -9.19
N MET A 373 4.27 11.74 -9.58
CA MET A 373 3.34 12.31 -8.59
C MET A 373 2.89 11.21 -7.63
N LYS A 374 2.58 10.03 -8.18
CA LYS A 374 2.16 8.88 -7.38
C LYS A 374 3.28 8.47 -6.43
N HIS A 375 4.51 8.46 -6.96
CA HIS A 375 5.69 8.09 -6.18
C HIS A 375 5.89 9.05 -5.02
N MET A 376 5.66 10.34 -5.31
CA MET A 376 5.82 11.37 -4.31
C MET A 376 4.82 11.18 -3.17
N GLN A 377 3.58 10.86 -3.51
CA GLN A 377 2.55 10.61 -2.50
C GLN A 377 3.05 9.48 -1.62
N ASN A 378 3.45 8.37 -2.24
CA ASN A 378 3.93 7.20 -1.53
C ASN A 378 5.10 7.51 -0.61
N GLU A 379 6.05 8.28 -1.12
CA GLU A 379 7.24 8.62 -0.33
C GLU A 379 6.94 9.48 0.89
N TYR A 380 5.97 10.39 0.76
CA TYR A 380 5.60 11.24 1.89
C TYR A 380 4.96 10.45 3.02
N ARG A 381 4.14 9.45 2.67
CA ARG A 381 3.54 8.63 3.70
C ARG A 381 4.60 7.68 4.27
N ALA A 382 5.43 7.12 3.39
CA ALA A 382 6.47 6.16 3.77
C ALA A 382 7.60 6.71 4.63
N ARG A 383 8.15 7.85 4.24
CA ARG A 383 9.24 8.43 5.02
C ARG A 383 9.18 9.94 5.22
N GLY A 384 8.00 10.52 4.98
CA GLY A 384 7.81 11.94 5.20
C GLY A 384 8.60 12.92 4.34
N GLY A 385 8.73 12.59 3.05
CA GLY A 385 9.43 13.48 2.16
C GLY A 385 9.96 12.78 0.93
N CYS A 386 10.30 13.59 -0.07
CA CYS A 386 10.86 13.10 -1.31
C CYS A 386 11.69 14.23 -1.93
N PRO A 387 13.02 14.13 -1.82
CA PRO A 387 13.95 15.13 -2.36
C PRO A 387 13.66 15.29 -3.84
N ALA A 388 13.33 16.51 -4.25
CA ALA A 388 12.97 16.73 -5.63
C ALA A 388 13.45 18.04 -6.19
N ASP A 389 13.91 18.02 -7.42
CA ASP A 389 14.42 19.20 -8.11
C ASP A 389 13.48 19.51 -9.26
N TRP A 390 12.56 20.43 -8.98
CA TRP A 390 11.54 20.88 -9.92
C TRP A 390 12.12 21.15 -11.30
N ILE A 391 13.19 21.94 -11.33
CA ILE A 391 13.85 22.32 -12.57
C ILE A 391 14.21 21.13 -13.47
N TRP A 392 14.47 19.99 -12.87
CA TRP A 392 14.81 18.80 -13.66
C TRP A 392 13.61 17.85 -13.82
N LEU A 393 12.69 17.86 -12.86
CA LEU A 393 11.54 16.96 -12.92
C LEU A 393 10.44 17.39 -13.88
N VAL A 394 10.40 18.67 -14.23
CA VAL A 394 9.39 19.14 -15.15
C VAL A 394 9.87 18.95 -16.59
N PRO A 395 9.17 18.09 -17.37
CA PRO A 395 9.51 17.82 -18.77
C PRO A 395 9.85 19.09 -19.55
N PRO A 396 10.73 18.97 -20.57
CA PRO A 396 11.15 20.11 -21.39
C PRO A 396 10.05 20.68 -22.30
N VAL A 397 8.89 20.04 -22.32
CA VAL A 397 7.72 20.52 -23.07
C VAL A 397 6.48 20.15 -22.28
N SER A 398 5.40 20.90 -22.51
CA SER A 398 4.11 20.68 -21.86
C SER A 398 4.18 20.93 -20.35
N GLY A 399 5.04 21.87 -19.96
CA GLY A 399 5.24 22.20 -18.56
C GLY A 399 4.03 22.16 -17.66
N SER A 400 3.20 23.20 -17.71
CA SER A 400 2.00 23.25 -16.86
C SER A 400 0.96 22.20 -17.20
N ILE A 401 1.05 21.60 -18.39
CA ILE A 401 0.13 20.55 -18.79
C ILE A 401 0.37 19.28 -17.96
N THR A 402 1.51 19.23 -17.27
CA THR A 402 1.84 18.08 -16.42
C THR A 402 1.57 18.36 -14.93
N PRO A 403 1.24 17.33 -14.15
CA PRO A 403 0.94 17.42 -12.71
C PRO A 403 2.10 17.96 -11.87
N VAL A 404 3.29 17.51 -12.22
CA VAL A 404 4.53 17.85 -11.57
C VAL A 404 4.83 19.36 -11.54
N PHE A 405 4.36 20.07 -12.55
CA PHE A 405 4.57 21.51 -12.63
C PHE A 405 3.90 22.26 -11.49
N HIS A 406 2.75 21.77 -11.05
CA HIS A 406 1.99 22.42 -9.99
C HIS A 406 2.32 21.90 -8.61
N GLN A 407 3.29 21.01 -8.53
CA GLN A 407 3.69 20.45 -7.26
C GLN A 407 4.90 21.18 -6.68
N GLU A 408 4.73 21.76 -5.50
CA GLU A 408 5.83 22.45 -4.83
C GLU A 408 6.77 21.35 -4.38
N MET A 409 8.06 21.62 -4.52
CA MET A 409 9.09 20.65 -4.19
C MET A 409 10.22 21.19 -3.36
N LEU A 410 10.83 20.27 -2.61
CA LEU A 410 11.95 20.55 -1.73
C LEU A 410 13.14 19.69 -2.18
N ASN A 411 14.21 20.37 -2.59
CA ASN A 411 15.41 19.75 -3.08
C ASN A 411 16.46 19.67 -1.99
N TYR A 412 16.89 18.47 -1.65
CA TYR A 412 17.91 18.28 -0.62
C TYR A 412 18.75 17.02 -0.82
N VAL A 413 19.98 17.05 -0.33
CA VAL A 413 20.94 15.94 -0.46
C VAL A 413 20.96 15.00 0.73
N LEU A 414 20.55 13.75 0.52
CA LEU A 414 20.54 12.80 1.59
C LEU A 414 21.77 11.90 1.42
N SER A 415 21.72 10.71 2.00
CA SER A 415 22.79 9.73 1.90
C SER A 415 22.11 8.40 2.18
N PRO A 416 22.37 7.37 1.35
CA PRO A 416 23.24 7.30 0.17
C PRO A 416 22.84 8.30 -0.91
N PHE A 417 23.73 8.56 -1.86
CA PHE A 417 23.46 9.55 -2.89
C PHE A 417 24.37 9.38 -4.11
N TYR A 418 23.89 9.83 -5.27
CA TYR A 418 24.64 9.77 -6.51
C TYR A 418 25.18 11.15 -6.82
N TYR A 419 26.49 11.32 -6.69
CA TYR A 419 27.11 12.62 -6.94
C TYR A 419 27.76 12.75 -8.31
N TYR A 420 27.95 13.99 -8.73
CA TYR A 420 28.67 14.28 -9.96
C TYR A 420 30.15 14.20 -9.53
N GLN A 421 31.06 14.18 -10.50
CA GLN A 421 32.50 14.16 -10.20
C GLN A 421 33.17 15.11 -11.18
N ILE A 422 34.35 15.62 -10.82
CA ILE A 422 35.12 16.50 -11.71
C ILE A 422 35.57 15.63 -12.90
N GLU A 423 35.50 16.17 -14.10
CA GLU A 423 35.91 15.40 -15.28
C GLU A 423 37.31 14.88 -15.08
N PRO A 424 37.51 13.55 -15.25
CA PRO A 424 38.81 12.91 -15.07
C PRO A 424 40.00 13.52 -15.81
N TRP A 425 39.84 13.88 -17.08
CA TRP A 425 40.94 14.48 -17.83
C TRP A 425 41.49 15.77 -17.21
N LYS A 426 40.71 16.34 -16.29
CA LYS A 426 41.11 17.57 -15.62
C LYS A 426 41.92 17.34 -14.35
N THR A 427 41.92 16.11 -13.84
CA THR A 427 42.65 15.81 -12.59
C THR A 427 43.64 14.66 -12.68
N HIS A 428 43.55 13.88 -13.75
CA HIS A 428 44.41 12.73 -13.98
C HIS A 428 45.89 13.08 -14.19
N ILE A 429 46.75 12.27 -13.58
CA ILE A 429 48.20 12.44 -13.71
C ILE A 429 48.65 11.37 -14.72
N TRP A 430 48.91 11.80 -15.95
CA TRP A 430 49.32 10.89 -17.02
C TRP A 430 50.67 10.21 -16.80
N GLN A 431 50.64 8.90 -16.55
CA GLN A 431 51.85 8.11 -16.33
C GLN A 431 52.68 8.07 -17.62
N ASN A 432 51.99 7.93 -18.75
CA ASN A 432 52.63 7.89 -20.07
C ASN A 432 51.56 8.01 -21.17
N GLN B 12 7.87 -22.54 12.75
CA GLN B 12 8.07 -21.26 12.01
C GLN B 12 6.74 -20.71 11.49
N TYR B 13 6.26 -21.26 10.39
CA TYR B 13 5.00 -20.83 9.78
C TYR B 13 4.18 -22.00 9.26
N VAL B 14 2.97 -21.71 8.78
CA VAL B 14 2.10 -22.73 8.21
C VAL B 14 1.84 -22.34 6.77
N ARG B 15 2.09 -23.27 5.85
CA ARG B 15 1.92 -23.01 4.44
C ARG B 15 0.42 -23.11 4.09
N ILE B 16 -0.11 -22.00 3.59
CA ILE B 16 -1.50 -21.87 3.20
C ILE B 16 -1.55 -21.71 1.69
N LYS B 17 -2.52 -22.36 1.05
CA LYS B 17 -2.65 -22.28 -0.40
C LYS B 17 -4.01 -21.92 -0.95
N ASN B 18 -4.03 -21.09 -1.99
CA ASN B 18 -5.25 -20.71 -2.66
C ASN B 18 -5.19 -21.57 -3.90
N TRP B 19 -6.22 -22.37 -4.14
CA TRP B 19 -6.24 -23.27 -5.29
C TRP B 19 -6.74 -22.68 -6.58
N GLY B 20 -7.24 -21.45 -6.49
CA GLY B 20 -7.72 -20.77 -7.68
C GLY B 20 -6.56 -20.08 -8.37
N SER B 21 -5.76 -19.37 -7.58
CA SER B 21 -4.62 -18.63 -8.08
C SER B 21 -3.28 -19.32 -7.91
N GLY B 22 -3.19 -20.26 -6.97
CA GLY B 22 -1.95 -20.97 -6.72
C GLY B 22 -1.01 -20.27 -5.75
N GLU B 23 -1.36 -19.05 -5.35
CA GLU B 23 -0.55 -18.26 -4.41
C GLU B 23 -0.39 -18.96 -3.07
N ILE B 24 0.79 -18.81 -2.47
CA ILE B 24 1.11 -19.42 -1.18
C ILE B 24 1.39 -18.31 -0.18
N LEU B 25 0.80 -18.45 1.01
CA LEU B 25 0.99 -17.50 2.09
C LEU B 25 1.53 -18.29 3.26
N HIS B 26 2.31 -17.63 4.11
CA HIS B 26 2.90 -18.28 5.28
C HIS B 26 2.36 -17.63 6.54
N ASP B 27 1.77 -18.41 7.43
CA ASP B 27 1.21 -17.85 8.65
C ASP B 27 2.06 -17.92 9.90
N THR B 28 2.41 -16.75 10.41
CA THR B 28 3.19 -16.65 11.64
C THR B 28 2.34 -16.10 12.78
N LEU B 29 1.26 -15.38 12.43
CA LEU B 29 0.37 -14.76 13.41
C LEU B 29 -0.33 -15.73 14.37
N HIS B 30 -0.62 -16.94 13.91
CA HIS B 30 -1.28 -17.94 14.75
C HIS B 30 -0.54 -18.21 16.06
N HIS B 31 0.76 -17.92 16.06
CA HIS B 31 1.57 -18.13 17.25
C HIS B 31 1.13 -17.25 18.41
N LYS B 32 0.49 -16.13 18.09
CA LYS B 32 0.01 -15.20 19.10
C LYS B 32 -1.39 -15.56 19.56
N ALA B 33 -1.82 -16.78 19.21
CA ALA B 33 -3.14 -17.29 19.57
C ALA B 33 -3.29 -17.62 21.06
N THR B 34 -4.54 -17.65 21.52
CA THR B 34 -4.85 -17.95 22.91
C THR B 34 -5.39 -19.37 23.05
N SER B 43 -10.49 -35.40 16.38
CA SER B 43 -11.75 -35.05 17.03
C SER B 43 -11.95 -33.53 17.08
N CYS B 44 -11.84 -32.89 15.92
CA CYS B 44 -12.00 -31.45 15.79
C CYS B 44 -13.46 -30.99 15.78
N LEU B 45 -13.74 -29.96 16.59
CA LEU B 45 -15.09 -29.38 16.67
C LEU B 45 -15.23 -28.41 15.49
N GLY B 46 -15.35 -28.98 14.29
CA GLY B 46 -15.45 -28.20 13.06
C GLY B 46 -16.58 -27.21 12.84
N SER B 47 -17.77 -27.72 12.58
CA SER B 47 -18.90 -26.85 12.30
C SER B 47 -19.80 -26.44 13.46
N ILE B 48 -19.26 -26.42 14.69
CA ILE B 48 -20.04 -26.00 15.86
C ILE B 48 -20.19 -24.47 15.84
N MET B 49 -21.42 -23.98 15.94
CA MET B 49 -21.69 -22.55 15.88
C MET B 49 -21.31 -21.73 17.10
N ASN B 50 -21.68 -22.21 18.29
CA ASN B 50 -21.37 -21.49 19.52
C ASN B 50 -20.56 -22.35 20.47
N PRO B 51 -19.29 -22.63 20.11
CA PRO B 51 -18.46 -23.45 21.00
C PRO B 51 -17.96 -22.62 22.16
N LYS B 52 -17.51 -23.30 23.21
CA LYS B 52 -16.99 -22.65 24.40
C LYS B 52 -15.75 -21.80 24.09
N SER B 53 -14.97 -22.24 23.11
CA SER B 53 -13.77 -21.50 22.74
C SER B 53 -14.06 -20.09 22.22
N LEU B 54 -15.29 -19.86 21.77
CA LEU B 54 -15.65 -18.55 21.26
C LEU B 54 -16.57 -17.81 22.23
N THR B 55 -16.79 -18.40 23.39
CA THR B 55 -17.66 -17.84 24.42
C THR B 55 -16.93 -17.43 25.70
N ARG B 56 -17.29 -16.26 26.20
CA ARG B 56 -16.71 -15.72 27.44
C ARG B 56 -17.89 -15.52 28.38
N GLY B 57 -18.06 -16.48 29.29
CA GLY B 57 -19.17 -16.47 30.23
C GLY B 57 -19.14 -15.46 31.37
N PRO B 58 -20.10 -15.58 32.29
CA PRO B 58 -20.23 -14.70 33.46
C PRO B 58 -19.21 -14.93 34.57
N ARG B 59 -19.20 -13.99 35.52
CA ARG B 59 -18.31 -14.05 36.69
C ARG B 59 -19.07 -13.58 37.94
N ASP B 60 -18.44 -13.71 39.10
CA ASP B 60 -19.04 -13.25 40.36
C ASP B 60 -17.94 -12.81 41.33
N LYS B 61 -16.73 -12.73 40.79
CA LYS B 61 -15.52 -12.31 41.49
C LYS B 61 -14.69 -11.62 40.40
N PRO B 62 -14.01 -10.53 40.74
CA PRO B 62 -13.19 -9.81 39.75
C PRO B 62 -12.11 -10.74 39.23
N THR B 63 -11.67 -10.49 38.00
CA THR B 63 -10.61 -11.28 37.41
C THR B 63 -9.39 -11.26 38.31
N PRO B 64 -8.88 -12.45 38.70
CA PRO B 64 -7.72 -12.50 39.58
C PRO B 64 -6.50 -11.81 38.96
N LEU B 65 -5.74 -11.13 39.80
CA LEU B 65 -4.56 -10.38 39.37
C LEU B 65 -3.55 -11.21 38.57
N GLU B 66 -3.37 -12.47 38.95
CA GLU B 66 -2.44 -13.37 38.27
C GLU B 66 -2.74 -13.54 36.78
N GLU B 67 -4.01 -13.42 36.42
CA GLU B 67 -4.44 -13.55 35.03
C GLU B 67 -4.50 -12.20 34.32
N LEU B 68 -5.04 -11.20 35.01
CA LEU B 68 -5.19 -9.85 34.47
C LEU B 68 -3.91 -9.12 34.12
N LEU B 69 -2.97 -9.08 35.05
CA LEU B 69 -1.71 -8.37 34.85
C LEU B 69 -0.93 -8.73 33.58
N PRO B 70 -0.66 -10.02 33.31
CA PRO B 70 0.09 -10.37 32.08
C PRO B 70 -0.68 -9.97 30.81
N HIS B 71 -2.00 -10.07 30.86
CA HIS B 71 -2.86 -9.71 29.73
C HIS B 71 -2.78 -8.20 29.48
N ALA B 72 -2.81 -7.42 30.56
CA ALA B 72 -2.75 -5.96 30.44
C ALA B 72 -1.43 -5.52 29.83
N ILE B 73 -0.32 -6.04 30.36
CA ILE B 73 1.02 -5.71 29.85
C ILE B 73 1.11 -6.06 28.37
N GLU B 74 0.57 -7.24 28.03
CA GLU B 74 0.55 -7.71 26.65
C GLU B 74 -0.21 -6.76 25.72
N PHE B 75 -1.35 -6.24 26.19
CA PHE B 75 -2.14 -5.29 25.40
C PHE B 75 -1.43 -3.94 25.29
N ILE B 76 -0.83 -3.49 26.39
CA ILE B 76 -0.11 -2.23 26.39
C ILE B 76 1.06 -2.27 25.39
N ASN B 77 1.75 -3.41 25.32
CA ASN B 77 2.86 -3.55 24.40
C ASN B 77 2.34 -3.52 22.95
N GLN B 78 1.28 -4.27 22.70
CA GLN B 78 0.67 -4.34 21.37
C GLN B 78 0.25 -2.95 20.90
N TYR B 79 -0.31 -2.17 21.82
CA TYR B 79 -0.77 -0.81 21.55
C TYR B 79 0.38 0.11 21.13
N TYR B 80 1.39 0.23 21.99
CA TYR B 80 2.54 1.07 21.68
C TYR B 80 3.32 0.55 20.49
N GLY B 81 3.18 -0.74 20.21
CA GLY B 81 3.88 -1.34 19.11
C GLY B 81 3.28 -0.98 17.76
N SER B 82 2.00 -0.64 17.75
CA SER B 82 1.29 -0.28 16.53
C SER B 82 1.68 1.07 15.93
N PHE B 83 2.43 1.87 16.68
CA PHE B 83 2.86 3.18 16.18
C PHE B 83 3.93 3.12 15.09
N LYS B 84 3.85 4.07 14.15
CA LYS B 84 4.81 4.17 13.05
C LYS B 84 6.16 4.51 13.66
N GLU B 85 6.18 5.51 14.54
CA GLU B 85 7.38 5.94 15.24
C GLU B 85 7.12 5.67 16.72
N ALA B 86 7.94 4.81 17.31
CA ALA B 86 7.80 4.42 18.70
C ALA B 86 7.91 5.55 19.72
N LYS B 87 7.13 5.43 20.78
CA LYS B 87 7.13 6.38 21.89
C LYS B 87 7.55 5.58 23.14
N ILE B 88 8.82 5.20 23.14
CA ILE B 88 9.45 4.41 24.19
C ILE B 88 9.17 4.94 25.59
N GLU B 89 9.35 6.24 25.76
CA GLU B 89 9.16 6.86 27.06
C GLU B 89 7.74 6.73 27.61
N GLU B 90 6.74 7.05 26.80
CA GLU B 90 5.34 6.97 27.22
C GLU B 90 4.90 5.53 27.44
N HIS B 91 5.42 4.64 26.60
CA HIS B 91 5.14 3.21 26.65
C HIS B 91 5.57 2.67 28.02
N LEU B 92 6.81 2.96 28.39
CA LEU B 92 7.36 2.54 29.68
C LEU B 92 6.56 3.11 30.84
N ALA B 93 6.24 4.39 30.73
CA ALA B 93 5.46 5.07 31.77
C ALA B 93 4.09 4.43 31.94
N ARG B 94 3.45 4.08 30.81
CA ARG B 94 2.13 3.45 30.82
C ARG B 94 2.22 2.06 31.44
N LEU B 95 3.24 1.29 31.04
CA LEU B 95 3.47 -0.06 31.56
C LEU B 95 3.60 -0.02 33.08
N GLU B 96 4.32 0.98 33.57
CA GLU B 96 4.50 1.15 35.01
C GLU B 96 3.20 1.55 35.70
N ALA B 97 2.46 2.47 35.07
CA ALA B 97 1.20 2.96 35.61
C ALA B 97 0.10 1.89 35.67
N VAL B 98 -0.11 1.19 34.55
CA VAL B 98 -1.12 0.14 34.47
C VAL B 98 -0.81 -0.97 35.49
N THR B 99 0.48 -1.28 35.63
CA THR B 99 0.95 -2.30 36.55
C THR B 99 0.62 -1.98 38.00
N LYS B 100 0.80 -0.71 38.39
CA LYS B 100 0.50 -0.27 39.75
C LYS B 100 -0.99 -0.18 40.01
N GLU B 101 -1.71 0.36 39.03
CA GLU B 101 -3.16 0.52 39.15
C GLU B 101 -3.81 -0.85 39.43
N ILE B 102 -3.38 -1.88 38.68
CA ILE B 102 -3.90 -3.25 38.84
C ILE B 102 -3.54 -3.84 40.20
N GLU B 103 -2.30 -3.65 40.65
CA GLU B 103 -1.85 -4.17 41.93
C GLU B 103 -2.50 -3.48 43.14
N THR B 104 -2.83 -2.20 43.00
CA THR B 104 -3.46 -1.46 44.09
C THR B 104 -4.98 -1.36 44.04
N THR B 105 -5.56 -1.59 42.86
CA THR B 105 -7.02 -1.50 42.71
C THR B 105 -7.64 -2.81 42.20
N GLY B 106 -6.80 -3.73 41.72
CA GLY B 106 -7.29 -5.00 41.22
C GLY B 106 -7.84 -4.94 39.80
N THR B 107 -7.70 -3.79 39.15
CA THR B 107 -8.17 -3.58 37.78
C THR B 107 -7.57 -2.28 37.25
N TYR B 108 -7.94 -1.93 36.02
CA TYR B 108 -7.45 -0.71 35.42
C TYR B 108 -8.39 -0.19 34.34
N GLN B 109 -8.21 1.08 33.98
CA GLN B 109 -9.00 1.75 32.97
C GLN B 109 -8.16 2.03 31.74
N LEU B 110 -8.75 1.78 30.57
CA LEU B 110 -8.08 2.04 29.31
C LEU B 110 -8.23 3.52 28.98
N THR B 111 -7.29 4.06 28.21
CA THR B 111 -7.40 5.45 27.78
C THR B 111 -8.38 5.37 26.59
N LEU B 112 -8.89 6.52 26.16
CA LEU B 112 -9.79 6.53 25.02
C LEU B 112 -9.07 6.00 23.77
N ASP B 113 -7.84 6.47 23.52
CA ASP B 113 -7.08 6.00 22.35
C ASP B 113 -6.84 4.49 22.34
N GLU B 114 -6.58 3.92 23.52
CA GLU B 114 -6.37 2.47 23.64
C GLU B 114 -7.67 1.72 23.33
N LEU B 115 -8.79 2.23 23.83
CA LEU B 115 -10.09 1.60 23.61
C LEU B 115 -10.42 1.64 22.12
N ILE B 116 -10.18 2.79 21.50
CA ILE B 116 -10.43 2.95 20.09
C ILE B 116 -9.62 1.93 19.31
N PHE B 117 -8.34 1.84 19.65
CA PHE B 117 -7.42 0.90 19.03
C PHE B 117 -7.90 -0.54 19.23
N ALA B 118 -8.36 -0.84 20.44
CA ALA B 118 -8.84 -2.16 20.81
C ALA B 118 -10.08 -2.66 20.07
N THR B 119 -11.07 -1.78 19.89
CA THR B 119 -12.30 -2.18 19.19
C THR B 119 -12.01 -2.49 17.72
N LYS B 120 -11.11 -1.72 17.13
CA LYS B 120 -10.74 -1.92 15.74
C LYS B 120 -9.93 -3.21 15.62
N MET B 121 -9.02 -3.45 16.56
CA MET B 121 -8.22 -4.66 16.54
C MET B 121 -9.14 -5.85 16.69
N ALA B 122 -10.04 -5.78 17.67
CA ALA B 122 -10.98 -6.86 17.91
C ALA B 122 -11.77 -7.16 16.63
N TRP B 123 -12.06 -6.11 15.87
CA TRP B 123 -12.79 -6.28 14.61
C TRP B 123 -11.84 -6.96 13.61
N ARG B 124 -10.61 -6.43 13.58
CA ARG B 124 -9.56 -6.95 12.73
C ARG B 124 -9.33 -8.44 13.03
N ASN B 125 -9.50 -8.81 14.30
CA ASN B 125 -9.33 -10.18 14.77
C ASN B 125 -10.59 -11.04 14.71
N ALA B 126 -11.68 -10.53 14.15
CA ALA B 126 -12.92 -11.31 14.07
C ALA B 126 -12.88 -12.30 12.91
N PRO B 127 -12.58 -13.57 13.20
CA PRO B 127 -12.50 -14.58 12.13
C PRO B 127 -13.76 -14.87 11.31
N ARG B 128 -14.92 -14.49 11.84
CA ARG B 128 -16.16 -14.75 11.11
C ARG B 128 -16.71 -13.59 10.30
N CYS B 129 -15.95 -12.50 10.22
CA CYS B 129 -16.36 -11.31 9.49
C CYS B 129 -15.65 -11.13 8.16
N ILE B 130 -16.42 -11.19 7.09
CA ILE B 130 -15.92 -11.03 5.73
C ILE B 130 -15.71 -9.55 5.36
N GLY B 131 -16.29 -8.64 6.16
CA GLY B 131 -16.18 -7.23 5.88
C GLY B 131 -15.01 -6.52 6.50
N ARG B 132 -14.05 -7.30 6.99
CA ARG B 132 -12.87 -6.77 7.66
C ARG B 132 -11.93 -5.79 6.99
N ILE B 133 -12.09 -5.54 5.69
CA ILE B 133 -11.20 -4.57 5.05
C ILE B 133 -11.49 -3.16 5.60
N GLN B 134 -12.67 -3.01 6.18
CA GLN B 134 -13.14 -1.76 6.78
C GLN B 134 -12.72 -1.55 8.25
N TRP B 135 -12.03 -2.54 8.82
CA TRP B 135 -11.60 -2.51 10.21
C TRP B 135 -11.06 -1.20 10.77
N SER B 136 -10.31 -0.44 9.97
CA SER B 136 -9.79 0.82 10.51
C SER B 136 -10.77 2.01 10.37
N ASN B 137 -11.97 1.74 9.88
CA ASN B 137 -13.01 2.74 9.72
C ASN B 137 -14.11 2.39 10.71
N LEU B 138 -14.01 2.91 11.93
CA LEU B 138 -15.01 2.60 12.94
C LEU B 138 -15.19 3.75 13.93
N GLN B 139 -16.43 4.20 14.04
CA GLN B 139 -16.75 5.26 14.97
C GLN B 139 -16.91 4.64 16.34
N VAL B 140 -16.28 5.26 17.34
CA VAL B 140 -16.34 4.76 18.70
C VAL B 140 -17.05 5.72 19.67
N PHE B 141 -18.13 5.24 20.28
CA PHE B 141 -18.87 6.04 21.25
C PHE B 141 -18.54 5.51 22.64
N ASP B 142 -17.87 6.35 23.42
CA ASP B 142 -17.46 6.01 24.77
C ASP B 142 -18.57 6.25 25.79
N ALA B 143 -19.26 5.18 26.15
CA ALA B 143 -20.34 5.25 27.13
C ALA B 143 -19.88 4.54 28.41
N ARG B 144 -18.58 4.60 28.70
CA ARG B 144 -18.04 3.95 29.88
C ARG B 144 -18.49 4.60 31.18
N ASN B 145 -19.00 5.81 31.06
CA ASN B 145 -19.51 6.57 32.21
C ASN B 145 -21.00 6.33 32.41
N CYS B 146 -21.62 5.61 31.48
CA CYS B 146 -23.05 5.32 31.55
C CYS B 146 -23.41 4.72 32.91
N SER B 147 -24.53 5.17 33.48
CA SER B 147 -24.93 4.71 34.79
C SER B 147 -26.31 4.08 34.88
N THR B 148 -27.22 4.46 33.99
CA THR B 148 -28.58 3.91 34.06
C THR B 148 -29.09 3.30 32.75
N ALA B 149 -30.19 2.54 32.87
CA ALA B 149 -30.84 1.91 31.72
C ALA B 149 -31.31 3.00 30.75
N GLN B 150 -31.84 4.09 31.31
CA GLN B 150 -32.32 5.23 30.53
C GLN B 150 -31.16 5.85 29.75
N GLU B 151 -29.99 5.88 30.38
CA GLU B 151 -28.81 6.42 29.72
C GLU B 151 -28.35 5.47 28.62
N MET B 152 -28.43 4.16 28.90
CA MET B 152 -28.06 3.13 27.92
C MET B 152 -28.92 3.32 26.67
N PHE B 153 -30.23 3.42 26.89
CA PHE B 153 -31.22 3.62 25.82
C PHE B 153 -30.89 4.83 24.97
N GLN B 154 -30.50 5.91 25.62
CA GLN B 154 -30.17 7.13 24.90
C GLN B 154 -28.90 6.95 24.06
N HIS B 155 -27.94 6.19 24.58
CA HIS B 155 -26.69 5.95 23.85
C HIS B 155 -26.96 5.08 22.63
N ILE B 156 -27.77 4.05 22.84
CA ILE B 156 -28.16 3.13 21.78
C ILE B 156 -28.89 3.88 20.67
N CYS B 157 -29.78 4.81 21.06
CA CYS B 157 -30.53 5.60 20.09
C CYS B 157 -29.61 6.49 19.30
N ARG B 158 -28.62 7.06 19.97
CA ARG B 158 -27.66 7.93 19.30
C ARG B 158 -26.86 7.10 18.29
N HIS B 159 -26.58 5.86 18.67
CA HIS B 159 -25.83 4.95 17.82
C HIS B 159 -26.64 4.60 16.57
N ILE B 160 -27.84 4.07 16.76
CA ILE B 160 -28.69 3.70 15.63
C ILE B 160 -28.84 4.86 14.66
N LEU B 161 -28.98 6.06 15.20
CA LEU B 161 -29.15 7.27 14.40
C LEU B 161 -27.88 7.67 13.66
N TYR B 162 -26.74 7.59 14.33
CA TYR B 162 -25.46 7.93 13.72
C TYR B 162 -25.10 6.91 12.64
N ALA B 163 -25.25 5.64 12.97
CA ALA B 163 -24.94 4.55 12.06
C ALA B 163 -25.87 4.46 10.85
N THR B 164 -27.15 4.72 11.05
CA THR B 164 -28.11 4.65 9.94
C THR B 164 -27.81 5.72 8.92
N ASN B 165 -27.59 6.94 9.38
CA ASN B 165 -27.23 8.07 8.51
C ASN B 165 -28.08 8.21 7.24
N ASN B 166 -29.38 7.94 7.34
CA ASN B 166 -30.31 8.06 6.20
C ASN B 166 -30.03 7.08 5.07
N GLY B 167 -29.44 5.93 5.39
CA GLY B 167 -29.13 4.95 4.36
C GLY B 167 -27.65 4.89 3.98
N ASN B 168 -26.91 5.95 4.27
CA ASN B 168 -25.48 5.95 3.98
C ASN B 168 -24.80 5.40 5.24
N ILE B 169 -24.96 4.09 5.44
CA ILE B 169 -24.44 3.42 6.62
C ILE B 169 -23.01 3.71 7.05
N ARG B 170 -22.86 3.86 8.36
CA ARG B 170 -21.57 4.13 8.99
C ARG B 170 -21.38 3.08 10.07
N SER B 171 -20.17 2.53 10.14
CA SER B 171 -19.86 1.51 11.12
C SER B 171 -19.52 2.18 12.43
N ALA B 172 -20.11 1.67 13.52
CA ALA B 172 -19.87 2.25 14.84
C ALA B 172 -20.05 1.23 15.92
N ILE B 173 -19.58 1.58 17.10
CA ILE B 173 -19.66 0.75 18.28
C ILE B 173 -19.81 1.67 19.48
N THR B 174 -20.57 1.21 20.46
CA THR B 174 -20.79 1.98 21.68
C THR B 174 -20.29 1.06 22.80
N VAL B 175 -19.35 1.57 23.58
CA VAL B 175 -18.77 0.79 24.67
C VAL B 175 -19.34 1.22 26.03
N PHE B 176 -20.01 0.28 26.71
CA PHE B 176 -20.57 0.55 28.02
C PHE B 176 -19.55 0.16 29.11
N PRO B 177 -19.81 0.51 30.39
CA PRO B 177 -18.87 0.16 31.46
C PRO B 177 -18.38 -1.28 31.47
N GLN B 178 -17.09 -1.46 31.67
CA GLN B 178 -16.49 -2.80 31.72
C GLN B 178 -17.00 -3.58 32.94
N ARG B 179 -16.87 -4.90 32.87
CA ARG B 179 -17.27 -5.77 33.97
C ARG B 179 -16.35 -5.50 35.16
N SER B 180 -16.94 -5.33 36.34
CA SER B 180 -16.17 -5.10 37.54
C SER B 180 -16.09 -6.38 38.38
N ASP B 181 -17.15 -6.70 39.12
CA ASP B 181 -17.16 -7.90 39.95
C ASP B 181 -17.96 -9.06 39.36
N GLY B 182 -18.70 -8.80 38.28
CA GLY B 182 -19.50 -9.83 37.66
C GLY B 182 -20.95 -9.77 38.08
N LYS B 183 -21.25 -8.92 39.07
CA LYS B 183 -22.62 -8.78 39.56
C LYS B 183 -23.20 -7.42 39.18
N HIS B 184 -22.44 -6.65 38.42
CA HIS B 184 -22.89 -5.33 38.00
C HIS B 184 -22.73 -5.12 36.50
N ASP B 185 -22.99 -6.19 35.75
CA ASP B 185 -22.87 -6.17 34.30
C ASP B 185 -23.91 -5.36 33.55
N PHE B 186 -23.45 -4.63 32.54
CA PHE B 186 -24.33 -3.92 31.64
C PHE B 186 -24.48 -4.95 30.52
N ARG B 187 -25.72 -5.23 30.12
CA ARG B 187 -25.98 -6.21 29.07
C ARG B 187 -27.21 -5.82 28.26
N LEU B 188 -27.18 -6.18 26.97
CA LEU B 188 -28.34 -5.97 26.11
C LEU B 188 -28.86 -7.39 25.95
N TRP B 189 -30.10 -7.61 26.34
CA TRP B 189 -30.69 -8.94 26.23
C TRP B 189 -31.01 -9.30 24.79
N ASN B 190 -31.04 -8.29 23.93
CA ASN B 190 -31.30 -8.52 22.52
C ASN B 190 -30.07 -9.17 21.88
N SER B 191 -30.29 -9.75 20.70
CA SER B 191 -29.21 -10.37 19.93
C SER B 191 -28.76 -9.34 18.88
N GLN B 192 -29.67 -8.46 18.49
CA GLN B 192 -29.38 -7.41 17.51
C GLN B 192 -30.09 -6.13 17.95
N LEU B 193 -29.53 -4.96 17.68
CA LEU B 193 -30.20 -3.71 18.08
C LEU B 193 -31.60 -3.67 17.47
N ILE B 194 -31.67 -3.73 16.14
CA ILE B 194 -32.93 -3.72 15.40
C ILE B 194 -33.22 -5.13 14.87
N ARG B 195 -34.39 -5.65 15.20
CA ARG B 195 -34.74 -7.00 14.79
C ARG B 195 -36.25 -7.25 14.88
N TYR B 196 -36.78 -8.11 14.02
CA TYR B 196 -38.22 -8.40 14.01
C TYR B 196 -38.69 -9.45 15.00
N ALA B 197 -39.93 -9.29 15.41
CA ALA B 197 -40.54 -10.21 16.36
C ALA B 197 -41.09 -11.45 15.66
N GLY B 198 -41.18 -12.54 16.42
CA GLY B 198 -41.70 -13.78 15.90
C GLY B 198 -42.80 -14.25 16.84
N TYR B 199 -43.95 -14.63 16.28
CA TYR B 199 -45.08 -15.09 17.08
C TYR B 199 -45.64 -16.42 16.62
N GLN B 200 -46.10 -17.22 17.57
CA GLN B 200 -46.73 -18.52 17.31
C GLN B 200 -48.24 -18.28 17.16
N MET B 201 -48.70 -18.23 15.91
CA MET B 201 -50.11 -17.98 15.61
C MET B 201 -51.02 -19.17 15.99
N PRO B 202 -52.34 -18.91 16.15
CA PRO B 202 -53.36 -19.91 16.50
C PRO B 202 -53.44 -21.04 15.47
N ASP B 203 -53.42 -20.64 14.19
CA ASP B 203 -53.49 -21.55 13.05
C ASP B 203 -52.31 -22.52 12.89
N GLY B 204 -51.52 -22.66 13.95
CA GLY B 204 -50.37 -23.57 13.94
C GLY B 204 -49.10 -23.04 13.29
N THR B 205 -49.23 -21.96 12.51
CA THR B 205 -48.09 -21.37 11.82
C THR B 205 -47.30 -20.38 12.71
N ILE B 206 -46.15 -19.97 12.21
CA ILE B 206 -45.31 -19.02 12.93
C ILE B 206 -45.30 -17.74 12.10
N ARG B 207 -45.60 -16.61 12.74
CA ARG B 207 -45.60 -15.34 12.02
C ARG B 207 -44.33 -14.57 12.37
N GLY B 208 -43.82 -13.84 11.40
CA GLY B 208 -42.61 -13.07 11.60
C GLY B 208 -41.36 -13.92 11.57
N ASP B 209 -40.37 -13.50 12.35
CA ASP B 209 -39.10 -14.19 12.43
C ASP B 209 -39.10 -15.33 13.46
N ALA B 210 -39.14 -16.57 12.98
CA ALA B 210 -39.14 -17.74 13.86
C ALA B 210 -37.90 -17.84 14.77
N ALA B 211 -36.83 -17.16 14.40
CA ALA B 211 -35.60 -17.18 15.19
C ALA B 211 -35.74 -16.46 16.52
N THR B 212 -36.57 -15.42 16.55
CA THR B 212 -36.78 -14.66 17.77
C THR B 212 -38.05 -15.04 18.53
N LEU B 213 -38.43 -16.32 18.49
CA LEU B 213 -39.64 -16.78 19.18
C LEU B 213 -39.53 -16.65 20.69
N GLU B 214 -38.55 -17.33 21.27
CA GLU B 214 -38.35 -17.30 22.70
C GLU B 214 -38.10 -15.89 23.21
N PHE B 215 -37.39 -15.07 22.44
CA PHE B 215 -37.12 -13.72 22.89
C PHE B 215 -38.36 -12.83 22.86
N THR B 216 -39.18 -12.96 21.82
CA THR B 216 -40.40 -12.17 21.70
C THR B 216 -41.26 -12.47 22.92
N GLN B 217 -41.33 -13.74 23.29
CA GLN B 217 -42.10 -14.17 24.45
C GLN B 217 -41.57 -13.48 25.71
N LEU B 218 -40.26 -13.39 25.83
CA LEU B 218 -39.65 -12.77 27.00
C LEU B 218 -40.04 -11.30 27.11
N CYS B 219 -40.05 -10.62 25.96
CA CYS B 219 -40.41 -9.22 25.90
C CYS B 219 -41.85 -9.01 26.31
N ILE B 220 -42.72 -9.95 25.94
CA ILE B 220 -44.11 -9.87 26.30
C ILE B 220 -44.26 -10.01 27.82
N ASP B 221 -43.46 -10.91 28.41
CA ASP B 221 -43.44 -11.13 29.85
C ASP B 221 -43.03 -9.87 30.58
N LEU B 222 -42.14 -9.07 29.96
CA LEU B 222 -41.66 -7.84 30.56
C LEU B 222 -42.53 -6.63 30.22
N GLY B 223 -43.69 -6.90 29.63
CA GLY B 223 -44.61 -5.82 29.33
C GLY B 223 -44.60 -5.19 27.95
N TRP B 224 -44.04 -5.87 26.95
CA TRP B 224 -44.02 -5.31 25.62
C TRP B 224 -45.35 -5.65 24.95
N LYS B 225 -45.94 -4.68 24.25
CA LYS B 225 -47.20 -4.87 23.55
C LYS B 225 -47.03 -5.53 22.18
N PRO B 226 -47.38 -6.83 22.07
CA PRO B 226 -47.29 -7.64 20.84
C PRO B 226 -48.25 -7.11 19.79
N ARG B 227 -47.73 -6.73 18.64
CA ARG B 227 -48.59 -6.22 17.57
C ARG B 227 -48.87 -7.28 16.50
N TYR B 228 -48.53 -8.52 16.82
CA TYR B 228 -48.71 -9.69 15.95
C TYR B 228 -48.59 -9.47 14.44
N GLY B 229 -47.42 -8.97 14.04
CA GLY B 229 -47.16 -8.71 12.63
C GLY B 229 -45.92 -9.44 12.14
N ARG B 230 -45.73 -9.44 10.82
CA ARG B 230 -44.61 -10.11 10.18
C ARG B 230 -43.30 -9.33 10.37
N PHE B 231 -43.41 -8.01 10.46
CA PHE B 231 -42.23 -7.16 10.63
C PHE B 231 -42.34 -6.22 11.84
N ASP B 232 -42.50 -6.78 13.04
CA ASP B 232 -42.60 -5.96 14.25
C ASP B 232 -41.26 -5.79 14.95
N VAL B 233 -40.71 -4.58 14.89
CA VAL B 233 -39.43 -4.31 15.53
C VAL B 233 -39.48 -4.56 17.05
N LEU B 234 -38.63 -5.46 17.54
CA LEU B 234 -38.58 -5.77 18.96
C LEU B 234 -38.06 -4.61 19.80
N PRO B 235 -38.43 -4.57 21.10
CA PRO B 235 -37.98 -3.49 21.98
C PRO B 235 -36.61 -3.78 22.56
N LEU B 236 -35.84 -2.73 22.85
CA LEU B 236 -34.54 -2.92 23.46
C LEU B 236 -34.80 -3.39 24.88
N VAL B 237 -34.05 -4.40 25.32
CA VAL B 237 -34.17 -4.92 26.67
C VAL B 237 -32.82 -4.68 27.32
N LEU B 238 -32.72 -3.58 28.05
CA LEU B 238 -31.48 -3.15 28.68
C LEU B 238 -31.25 -3.44 30.17
N GLN B 239 -30.13 -4.10 30.44
CA GLN B 239 -29.71 -4.43 31.80
C GLN B 239 -28.60 -3.43 32.13
N ALA B 240 -28.83 -2.61 33.14
CA ALA B 240 -27.84 -1.62 33.56
C ALA B 240 -27.26 -1.94 34.92
N ASP B 241 -25.95 -1.85 35.02
CA ASP B 241 -25.22 -2.09 36.27
C ASP B 241 -25.68 -3.31 37.09
N GLY B 242 -25.94 -4.42 36.40
CA GLY B 242 -26.35 -5.66 37.05
C GLY B 242 -27.80 -5.83 37.48
N GLN B 243 -28.61 -4.80 37.27
CA GLN B 243 -30.03 -4.85 37.66
C GLN B 243 -30.92 -5.62 36.70
N ASP B 244 -32.22 -5.66 37.02
CA ASP B 244 -33.20 -6.34 36.18
C ASP B 244 -33.34 -5.49 34.92
N PRO B 245 -33.59 -6.14 33.76
CA PRO B 245 -33.73 -5.41 32.50
C PRO B 245 -34.99 -4.58 32.38
N GLU B 246 -34.88 -3.47 31.66
CA GLU B 246 -36.01 -2.58 31.41
C GLU B 246 -36.28 -2.54 29.91
N VAL B 247 -37.56 -2.63 29.57
CA VAL B 247 -38.01 -2.62 28.19
C VAL B 247 -38.18 -1.20 27.67
N PHE B 248 -37.59 -0.94 26.51
CA PHE B 248 -37.68 0.36 25.85
C PHE B 248 -37.97 0.09 24.37
N GLU B 249 -38.98 0.76 23.83
CA GLU B 249 -39.30 0.59 22.43
C GLU B 249 -38.39 1.53 21.65
N ILE B 250 -37.97 1.11 20.46
CA ILE B 250 -37.11 1.95 19.65
C ILE B 250 -37.99 2.92 18.87
N PRO B 251 -37.68 4.22 18.92
CA PRO B 251 -38.49 5.20 18.18
C PRO B 251 -38.45 4.88 16.69
N PRO B 252 -39.61 4.56 16.09
CA PRO B 252 -39.76 4.22 14.68
C PRO B 252 -39.02 5.10 13.69
N ASP B 253 -38.86 6.38 14.01
CA ASP B 253 -38.14 7.26 13.10
C ASP B 253 -36.68 6.82 12.95
N LEU B 254 -36.16 6.12 13.96
CA LEU B 254 -34.77 5.68 13.92
C LEU B 254 -34.55 4.41 13.11
N VAL B 255 -35.56 3.55 13.08
CA VAL B 255 -35.54 2.28 12.35
C VAL B 255 -35.84 2.40 10.85
N LEU B 256 -34.79 2.49 10.03
CA LEU B 256 -34.93 2.59 8.58
C LEU B 256 -35.12 1.17 8.01
N GLU B 257 -36.13 1.01 7.16
CA GLU B 257 -36.43 -0.28 6.55
C GLU B 257 -36.45 -0.16 5.04
N VAL B 258 -36.15 -1.24 4.32
CA VAL B 258 -36.14 -1.24 2.85
C VAL B 258 -37.27 -2.12 2.36
N THR B 259 -38.05 -1.62 1.40
CA THR B 259 -39.16 -2.36 0.81
C THR B 259 -38.64 -3.24 -0.32
N MET B 260 -39.07 -4.50 -0.36
CA MET B 260 -38.62 -5.43 -1.39
C MET B 260 -39.33 -5.35 -2.74
N GLU B 261 -38.57 -5.02 -3.77
CA GLU B 261 -39.07 -4.90 -5.14
C GLU B 261 -38.12 -5.59 -6.13
N HIS B 262 -38.69 -6.38 -7.04
CA HIS B 262 -37.88 -7.03 -8.06
C HIS B 262 -37.92 -6.17 -9.32
N PRO B 263 -36.77 -5.93 -9.95
CA PRO B 263 -36.68 -5.11 -11.17
C PRO B 263 -37.39 -5.62 -12.42
N LYS B 264 -38.03 -6.78 -12.34
CA LYS B 264 -38.74 -7.33 -13.49
C LYS B 264 -40.06 -7.99 -13.10
N TYR B 265 -40.13 -8.53 -11.88
CA TYR B 265 -41.36 -9.16 -11.41
C TYR B 265 -42.16 -8.22 -10.49
N GLU B 266 -43.25 -7.68 -11.02
CA GLU B 266 -44.11 -6.77 -10.26
C GLU B 266 -44.83 -7.47 -9.12
N TRP B 267 -44.94 -8.79 -9.20
CA TRP B 267 -45.60 -9.56 -8.15
C TRP B 267 -44.71 -9.69 -6.92
N PHE B 268 -43.45 -9.30 -7.03
CA PHE B 268 -42.56 -9.39 -5.89
C PHE B 268 -43.00 -8.44 -4.79
N GLN B 269 -43.44 -7.24 -5.18
CA GLN B 269 -43.95 -6.24 -4.23
C GLN B 269 -45.11 -6.81 -3.46
N GLU B 270 -46.02 -7.47 -4.18
CA GLU B 270 -47.20 -8.09 -3.59
C GLU B 270 -46.86 -9.01 -2.42
N LEU B 271 -45.60 -9.37 -2.28
CA LEU B 271 -45.17 -10.23 -1.19
C LEU B 271 -45.15 -9.48 0.15
N GLY B 272 -45.06 -8.15 0.08
CA GLY B 272 -45.04 -7.33 1.28
C GLY B 272 -43.85 -7.63 2.18
N LEU B 273 -42.67 -7.66 1.57
CA LEU B 273 -41.44 -7.95 2.27
C LEU B 273 -40.59 -6.71 2.46
N LYS B 274 -39.85 -6.68 3.56
CA LYS B 274 -38.96 -5.58 3.88
C LYS B 274 -37.93 -6.03 4.90
N TRP B 275 -36.95 -5.18 5.15
CA TRP B 275 -35.92 -5.50 6.13
C TRP B 275 -35.28 -4.23 6.64
N TYR B 276 -34.71 -4.28 7.84
CA TYR B 276 -34.01 -3.13 8.38
C TYR B 276 -32.68 -2.95 7.66
N ALA B 277 -32.26 -1.71 7.51
CA ALA B 277 -31.03 -1.38 6.83
C ALA B 277 -29.81 -1.38 7.77
N LEU B 278 -30.02 -1.71 9.04
CA LEU B 278 -28.91 -1.68 9.99
C LEU B 278 -28.65 -3.00 10.70
N PRO B 279 -27.54 -3.67 10.33
CA PRO B 279 -27.15 -4.94 10.94
C PRO B 279 -26.29 -4.61 12.16
N ALA B 280 -26.85 -4.78 13.35
CA ALA B 280 -26.12 -4.45 14.56
C ALA B 280 -26.16 -5.55 15.63
N VAL B 281 -24.97 -6.05 15.97
CA VAL B 281 -24.85 -7.08 16.98
C VAL B 281 -24.96 -6.39 18.33
N ALA B 282 -25.78 -6.95 19.22
CA ALA B 282 -25.97 -6.33 20.52
C ALA B 282 -25.55 -7.17 21.73
N ASN B 283 -25.32 -8.46 21.55
CA ASN B 283 -24.97 -9.32 22.66
C ASN B 283 -23.54 -9.87 22.80
N MET B 284 -22.57 -9.29 22.12
CA MET B 284 -21.22 -9.81 22.25
C MET B 284 -20.36 -9.12 23.30
N LEU B 285 -19.36 -9.85 23.79
CA LEU B 285 -18.46 -9.33 24.80
C LEU B 285 -17.12 -8.95 24.18
N LEU B 286 -16.67 -7.73 24.43
CA LEU B 286 -15.37 -7.26 23.95
C LEU B 286 -14.32 -7.51 25.03
N GLU B 287 -13.38 -8.40 24.75
CA GLU B 287 -12.29 -8.67 25.68
C GLU B 287 -11.07 -7.88 25.19
N VAL B 288 -10.37 -7.24 26.12
CA VAL B 288 -9.19 -6.47 25.78
C VAL B 288 -8.28 -6.34 26.99
N GLY B 289 -7.03 -6.77 26.83
CA GLY B 289 -6.06 -6.68 27.90
C GLY B 289 -6.55 -7.22 29.22
N GLY B 290 -7.30 -8.31 29.17
CA GLY B 290 -7.79 -8.89 30.41
C GLY B 290 -9.08 -8.26 30.91
N LEU B 291 -9.49 -7.15 30.30
CA LEU B 291 -10.74 -6.48 30.67
C LEU B 291 -11.83 -7.06 29.80
N GLU B 292 -13.05 -7.08 30.32
CA GLU B 292 -14.20 -7.62 29.60
C GLU B 292 -15.35 -6.61 29.55
N PHE B 293 -15.87 -6.34 28.36
CA PHE B 293 -17.00 -5.42 28.21
C PHE B 293 -18.19 -6.24 27.75
N PRO B 294 -19.09 -6.60 28.68
CA PRO B 294 -20.29 -7.41 28.41
C PRO B 294 -21.34 -6.71 27.54
N ALA B 295 -21.16 -5.41 27.33
CA ALA B 295 -22.11 -4.65 26.51
C ALA B 295 -21.36 -3.67 25.64
N CYS B 296 -21.35 -3.93 24.33
CA CYS B 296 -20.65 -3.08 23.37
C CYS B 296 -21.23 -3.36 21.97
N PRO B 297 -22.46 -2.86 21.72
CA PRO B 297 -23.09 -3.09 20.41
C PRO B 297 -22.34 -2.45 19.25
N PHE B 298 -22.24 -3.17 18.14
CA PHE B 298 -21.54 -2.64 16.98
C PHE B 298 -22.30 -2.98 15.70
N ASN B 299 -21.94 -2.26 14.63
CA ASN B 299 -22.57 -2.50 13.34
C ASN B 299 -21.70 -2.09 12.15
N GLY B 300 -22.12 -2.57 10.99
CA GLY B 300 -21.47 -2.25 9.73
C GLY B 300 -22.65 -2.21 8.79
N TRP B 301 -22.49 -2.69 7.56
CA TRP B 301 -23.59 -2.73 6.63
C TRP B 301 -23.83 -4.15 6.15
N TYR B 302 -24.99 -4.37 5.55
CA TYR B 302 -25.38 -5.68 5.08
C TYR B 302 -24.70 -6.22 3.85
N MET B 303 -24.72 -7.55 3.75
CA MET B 303 -24.21 -8.28 2.60
C MET B 303 -25.51 -8.96 2.17
N GLY B 304 -25.90 -8.69 0.92
CA GLY B 304 -27.13 -9.20 0.34
C GLY B 304 -27.72 -10.52 0.79
N THR B 305 -26.86 -11.54 0.80
CA THR B 305 -27.23 -12.90 1.16
C THR B 305 -27.73 -13.08 2.57
N GLU B 306 -27.39 -12.15 3.46
CA GLU B 306 -27.83 -12.26 4.85
C GLU B 306 -29.37 -12.20 4.89
N ILE B 307 -29.92 -11.25 4.14
CA ILE B 307 -31.35 -11.03 4.06
C ILE B 307 -31.99 -12.00 3.07
N GLY B 308 -31.60 -11.88 1.80
CA GLY B 308 -32.16 -12.74 0.77
C GLY B 308 -32.03 -14.25 0.95
N VAL B 309 -30.88 -14.72 1.42
CA VAL B 309 -30.68 -16.16 1.56
C VAL B 309 -31.03 -16.72 2.93
N ARG B 310 -30.41 -16.15 3.96
CA ARG B 310 -30.62 -16.60 5.34
C ARG B 310 -31.95 -16.13 5.90
N ASP B 311 -32.06 -14.83 6.17
CA ASP B 311 -33.27 -14.24 6.74
C ASP B 311 -34.56 -14.66 6.01
N PHE B 312 -34.58 -14.52 4.69
CA PHE B 312 -35.76 -14.86 3.89
C PHE B 312 -35.96 -16.34 3.57
N CYS B 313 -34.89 -17.06 3.22
CA CYS B 313 -35.04 -18.48 2.84
C CYS B 313 -34.80 -19.62 3.82
N ASP B 314 -34.09 -19.38 4.93
CA ASP B 314 -33.88 -20.46 5.91
C ASP B 314 -35.27 -20.97 6.33
N THR B 315 -35.42 -22.28 6.52
CA THR B 315 -36.71 -22.81 6.95
C THR B 315 -37.02 -22.31 8.37
N GLN B 316 -35.97 -22.12 9.17
CA GLN B 316 -36.09 -21.63 10.55
C GLN B 316 -36.22 -20.11 10.66
N ARG B 317 -36.33 -19.44 9.51
CA ARG B 317 -36.50 -17.99 9.52
C ARG B 317 -37.84 -17.70 8.84
N TYR B 318 -37.86 -16.82 7.84
CA TYR B 318 -39.11 -16.49 7.15
C TYR B 318 -39.65 -17.59 6.23
N ASN B 319 -38.75 -18.36 5.62
CA ASN B 319 -39.09 -19.48 4.73
C ASN B 319 -40.04 -19.12 3.57
N ILE B 320 -39.67 -18.13 2.78
CA ILE B 320 -40.48 -17.70 1.65
C ILE B 320 -40.15 -18.41 0.34
N LEU B 321 -39.27 -19.40 0.39
CA LEU B 321 -38.80 -20.09 -0.81
C LEU B 321 -39.84 -20.68 -1.75
N GLU B 322 -40.68 -21.58 -1.26
CA GLU B 322 -41.71 -22.20 -2.09
C GLU B 322 -42.65 -21.17 -2.73
N GLU B 323 -43.07 -20.19 -1.92
CA GLU B 323 -43.96 -19.14 -2.37
C GLU B 323 -43.41 -18.41 -3.58
N VAL B 324 -42.13 -18.07 -3.54
CA VAL B 324 -41.48 -17.38 -4.65
C VAL B 324 -41.37 -18.33 -5.84
N GLY B 325 -41.23 -19.62 -5.53
CA GLY B 325 -41.13 -20.63 -6.57
C GLY B 325 -42.43 -20.69 -7.36
N ARG B 326 -43.54 -20.84 -6.66
CA ARG B 326 -44.87 -20.92 -7.27
C ARG B 326 -45.11 -19.76 -8.22
N ARG B 327 -44.88 -18.55 -7.74
CA ARG B 327 -45.08 -17.33 -8.50
C ARG B 327 -44.20 -17.19 -9.73
N MET B 328 -43.08 -17.91 -9.74
CA MET B 328 -42.19 -17.90 -10.91
C MET B 328 -42.65 -19.00 -11.87
N GLY B 329 -43.54 -19.86 -11.40
CA GLY B 329 -44.08 -20.94 -12.20
C GLY B 329 -43.11 -22.10 -12.39
N LEU B 330 -42.16 -22.23 -11.48
CA LEU B 330 -41.15 -23.29 -11.55
C LEU B 330 -41.68 -24.59 -10.94
N GLU B 331 -41.03 -25.70 -11.26
CA GLU B 331 -41.42 -27.03 -10.77
C GLU B 331 -41.07 -27.23 -9.29
N THR B 332 -41.92 -26.73 -8.40
CA THR B 332 -41.68 -26.82 -6.96
C THR B 332 -41.95 -28.16 -6.28
N HIS B 333 -42.16 -29.23 -7.05
CA HIS B 333 -42.39 -30.55 -6.47
C HIS B 333 -41.35 -31.59 -6.90
N THR B 334 -40.37 -31.11 -7.67
CA THR B 334 -39.28 -31.93 -8.16
C THR B 334 -37.98 -31.18 -7.88
N LEU B 335 -37.24 -31.62 -6.87
CA LEU B 335 -35.96 -31.00 -6.50
C LEU B 335 -34.97 -30.94 -7.65
N ALA B 336 -34.84 -32.07 -8.34
CA ALA B 336 -33.91 -32.22 -9.46
C ALA B 336 -33.98 -31.07 -10.44
N SER B 337 -35.14 -30.40 -10.45
CA SER B 337 -35.41 -29.26 -11.32
C SER B 337 -34.47 -28.09 -11.10
N LEU B 338 -33.99 -27.93 -9.87
CA LEU B 338 -33.11 -26.82 -9.46
C LEU B 338 -33.87 -25.49 -9.32
N TRP B 339 -35.15 -25.59 -8.97
CA TRP B 339 -36.01 -24.42 -8.81
C TRP B 339 -35.54 -23.53 -7.67
N LYS B 340 -35.14 -24.16 -6.57
CA LYS B 340 -34.66 -23.45 -5.40
C LYS B 340 -33.49 -22.54 -5.77
N ASP B 341 -32.62 -23.03 -6.65
CA ASP B 341 -31.46 -22.24 -7.09
C ASP B 341 -31.92 -21.04 -7.90
N ARG B 342 -33.03 -21.22 -8.61
CA ARG B 342 -33.58 -20.13 -9.43
C ARG B 342 -34.30 -19.11 -8.56
N ALA B 343 -35.15 -19.59 -7.65
CA ALA B 343 -35.91 -18.74 -6.75
C ALA B 343 -35.02 -17.83 -5.90
N VAL B 344 -34.07 -18.45 -5.18
CA VAL B 344 -33.16 -17.73 -4.31
C VAL B 344 -32.35 -16.64 -5.02
N THR B 345 -32.04 -16.84 -6.29
CA THR B 345 -31.25 -15.86 -7.02
C THR B 345 -32.07 -14.60 -7.28
N GLU B 346 -33.36 -14.79 -7.59
CA GLU B 346 -34.26 -13.66 -7.84
C GLU B 346 -34.41 -12.85 -6.56
N ILE B 347 -34.49 -13.54 -5.43
CA ILE B 347 -34.63 -12.90 -4.13
C ILE B 347 -33.39 -12.07 -3.81
N ASN B 348 -32.21 -12.58 -4.17
CA ASN B 348 -30.96 -11.84 -3.93
C ASN B 348 -30.95 -10.63 -4.85
N VAL B 349 -31.49 -10.81 -6.05
CA VAL B 349 -31.57 -9.72 -7.02
C VAL B 349 -32.50 -8.64 -6.46
N ALA B 350 -33.65 -9.09 -5.95
CA ALA B 350 -34.63 -8.20 -5.37
C ALA B 350 -34.00 -7.42 -4.21
N VAL B 351 -33.37 -8.15 -3.30
CA VAL B 351 -32.73 -7.52 -2.15
C VAL B 351 -31.72 -6.46 -2.57
N LEU B 352 -30.79 -6.81 -3.43
CA LEU B 352 -29.79 -5.84 -3.89
C LEU B 352 -30.42 -4.67 -4.62
N HIS B 353 -31.39 -4.98 -5.48
CA HIS B 353 -32.08 -3.96 -6.27
C HIS B 353 -32.77 -2.95 -5.35
N SER B 354 -33.65 -3.47 -4.48
CA SER B 354 -34.38 -2.65 -3.51
C SER B 354 -33.45 -1.72 -2.70
N PHE B 355 -32.40 -2.29 -2.10
CA PHE B 355 -31.46 -1.49 -1.30
C PHE B 355 -30.82 -0.38 -2.11
N GLN B 356 -30.43 -0.70 -3.34
CA GLN B 356 -29.77 0.29 -4.21
C GLN B 356 -30.69 1.41 -4.68
N LYS B 357 -31.96 1.07 -4.86
CA LYS B 357 -32.95 2.03 -5.30
C LYS B 357 -33.24 3.01 -4.16
N GLN B 358 -33.54 2.46 -2.98
CA GLN B 358 -33.85 3.26 -1.81
C GLN B 358 -32.60 3.84 -1.14
N ASN B 359 -31.54 3.97 -1.93
CA ASN B 359 -30.25 4.50 -1.50
C ASN B 359 -29.63 4.06 -0.18
N VAL B 360 -29.75 2.78 0.13
CA VAL B 360 -29.17 2.26 1.37
C VAL B 360 -27.97 1.39 1.02
N THR B 361 -26.88 1.56 1.77
CA THR B 361 -25.67 0.79 1.54
C THR B 361 -25.91 -0.71 1.64
N ILE B 362 -25.31 -1.41 0.69
CA ILE B 362 -25.38 -2.87 0.64
C ILE B 362 -24.24 -3.36 -0.25
N MET B 363 -23.84 -4.61 -0.06
CA MET B 363 -22.77 -5.21 -0.84
C MET B 363 -23.14 -6.64 -1.15
N ASP B 364 -23.05 -7.00 -2.43
CA ASP B 364 -23.36 -8.36 -2.87
C ASP B 364 -22.21 -9.29 -2.46
N HIS B 365 -22.49 -10.58 -2.33
CA HIS B 365 -21.48 -11.55 -1.90
C HIS B 365 -20.22 -11.68 -2.75
N HIS B 366 -20.36 -11.53 -4.07
CA HIS B 366 -19.21 -11.61 -4.98
C HIS B 366 -18.22 -10.49 -4.68
N THR B 367 -18.71 -9.26 -4.62
CA THR B 367 -17.87 -8.09 -4.35
C THR B 367 -17.25 -8.23 -2.95
N ALA B 368 -18.04 -8.71 -2.00
CA ALA B 368 -17.58 -8.88 -0.62
C ALA B 368 -16.38 -9.84 -0.57
N SER B 369 -16.51 -10.97 -1.25
CA SER B 369 -15.45 -11.98 -1.30
C SER B 369 -14.17 -11.44 -1.91
N GLU B 370 -14.28 -10.80 -3.07
CA GLU B 370 -13.09 -10.24 -3.69
C GLU B 370 -12.46 -9.26 -2.72
N SER B 371 -13.32 -8.51 -2.04
CA SER B 371 -12.88 -7.53 -1.05
C SER B 371 -12.12 -8.20 0.09
N PHE B 372 -12.68 -9.26 0.67
CA PHE B 372 -12.01 -9.96 1.76
C PHE B 372 -10.70 -10.60 1.31
N MET B 373 -10.71 -11.20 0.12
CA MET B 373 -9.52 -11.84 -0.43
C MET B 373 -8.39 -10.83 -0.49
N LYS B 374 -8.72 -9.58 -0.80
CA LYS B 374 -7.75 -8.49 -0.88
C LYS B 374 -7.28 -8.04 0.51
N HIS B 375 -8.20 -8.08 1.47
CA HIS B 375 -7.88 -7.70 2.85
C HIS B 375 -6.88 -8.71 3.39
N MET B 376 -7.10 -9.97 3.06
CA MET B 376 -6.23 -11.06 3.48
C MET B 376 -4.80 -10.90 2.98
N GLN B 377 -4.65 -10.55 1.70
CA GLN B 377 -3.33 -10.33 1.12
C GLN B 377 -2.62 -9.26 1.95
N ASN B 378 -3.33 -8.15 2.19
CA ASN B 378 -2.80 -7.02 2.96
C ASN B 378 -2.38 -7.45 4.36
N GLU B 379 -3.20 -8.29 5.00
CA GLU B 379 -2.94 -8.77 6.35
C GLU B 379 -1.71 -9.67 6.47
N TYR B 380 -1.49 -10.56 5.51
CA TYR B 380 -0.30 -11.40 5.56
C TYR B 380 0.97 -10.57 5.38
N ARG B 381 0.89 -9.50 4.61
CA ARG B 381 2.04 -8.63 4.44
C ARG B 381 2.20 -7.78 5.71
N ALA B 382 1.07 -7.26 6.19
CA ALA B 382 1.05 -6.42 7.39
C ALA B 382 1.48 -7.09 8.68
N ARG B 383 1.01 -8.30 8.94
CA ARG B 383 1.38 -8.98 10.18
C ARG B 383 1.50 -10.49 10.10
N GLY B 384 1.62 -11.00 8.88
CA GLY B 384 1.78 -12.42 8.67
C GLY B 384 0.65 -13.29 9.15
N GLY B 385 -0.57 -12.89 8.81
CA GLY B 385 -1.72 -13.68 9.20
C GLY B 385 -3.04 -12.95 9.24
N CYS B 386 -4.11 -13.75 9.29
CA CYS B 386 -5.47 -13.27 9.33
C CYS B 386 -6.37 -14.40 9.82
N PRO B 387 -6.84 -14.32 11.07
CA PRO B 387 -7.71 -15.39 11.59
C PRO B 387 -8.93 -15.39 10.68
N ALA B 388 -9.34 -16.57 10.23
CA ALA B 388 -10.48 -16.64 9.33
C ALA B 388 -11.21 -17.96 9.44
N ASP B 389 -12.52 -17.89 9.61
CA ASP B 389 -13.34 -19.09 9.73
C ASP B 389 -14.01 -19.33 8.37
N TRP B 390 -13.40 -20.23 7.62
CA TRP B 390 -13.88 -20.58 6.29
C TRP B 390 -15.38 -20.86 6.26
N ILE B 391 -15.87 -21.61 7.25
CA ILE B 391 -17.28 -21.97 7.31
C ILE B 391 -18.22 -20.78 7.38
N TRP B 392 -17.72 -19.65 7.87
CA TRP B 392 -18.52 -18.42 7.95
C TRP B 392 -18.19 -17.42 6.85
N LEU B 393 -16.94 -17.41 6.37
CA LEU B 393 -16.54 -16.48 5.34
C LEU B 393 -17.06 -16.82 3.96
N VAL B 394 -17.40 -18.07 3.72
CA VAL B 394 -17.92 -18.47 2.42
C VAL B 394 -19.44 -18.24 2.40
N PRO B 395 -19.93 -17.34 1.51
CA PRO B 395 -21.34 -16.97 1.31
C PRO B 395 -22.29 -18.15 1.25
N PRO B 396 -23.50 -18.02 1.81
CA PRO B 396 -24.51 -19.09 1.82
C PRO B 396 -24.95 -19.62 0.45
N VAL B 397 -24.62 -18.89 -0.61
CA VAL B 397 -24.92 -19.33 -1.97
C VAL B 397 -23.69 -19.12 -2.88
N SER B 398 -23.61 -19.91 -3.94
CA SER B 398 -22.53 -19.88 -4.92
C SER B 398 -21.10 -19.87 -4.35
N GLY B 399 -20.85 -20.77 -3.40
CA GLY B 399 -19.55 -20.84 -2.76
C GLY B 399 -18.35 -20.84 -3.69
N SER B 400 -18.20 -21.92 -4.46
CA SER B 400 -17.06 -22.05 -5.38
C SER B 400 -16.97 -20.97 -6.45
N ILE B 401 -18.04 -20.22 -6.65
CA ILE B 401 -18.02 -19.12 -7.62
C ILE B 401 -17.27 -17.94 -7.01
N THR B 402 -17.16 -17.91 -5.68
CA THR B 402 -16.45 -16.84 -4.98
C THR B 402 -15.01 -17.30 -4.73
N PRO B 403 -14.04 -16.36 -4.76
CA PRO B 403 -12.61 -16.70 -4.54
C PRO B 403 -12.28 -17.14 -3.13
N VAL B 404 -13.14 -16.74 -2.20
CA VAL B 404 -12.95 -17.05 -0.81
C VAL B 404 -13.02 -18.57 -0.57
N PHE B 405 -13.78 -19.28 -1.38
CA PHE B 405 -13.94 -20.74 -1.29
C PHE B 405 -12.66 -21.53 -1.57
N HIS B 406 -11.82 -21.01 -2.46
CA HIS B 406 -10.59 -21.67 -2.84
C HIS B 406 -9.39 -21.23 -2.03
N GLN B 407 -9.65 -20.54 -0.93
CA GLN B 407 -8.56 -20.06 -0.09
C GLN B 407 -8.49 -20.84 1.22
N GLU B 408 -7.39 -21.54 1.44
CA GLU B 408 -7.21 -22.26 2.70
C GLU B 408 -7.03 -21.20 3.78
N MET B 409 -7.66 -21.41 4.92
CA MET B 409 -7.60 -20.44 6.00
C MET B 409 -7.31 -21.11 7.32
N LEU B 410 -6.89 -20.28 8.27
CA LEU B 410 -6.56 -20.73 9.60
C LEU B 410 -7.41 -19.99 10.63
N ASN B 411 -8.23 -20.75 11.37
CA ASN B 411 -9.07 -20.16 12.38
C ASN B 411 -8.39 -20.16 13.75
N TYR B 412 -8.24 -18.99 14.35
CA TYR B 412 -7.64 -18.90 15.68
C TYR B 412 -8.09 -17.64 16.40
N VAL B 413 -7.99 -17.68 17.72
CA VAL B 413 -8.40 -16.57 18.57
C VAL B 413 -7.28 -15.68 19.09
N LEU B 414 -7.29 -14.41 18.74
CA LEU B 414 -6.28 -13.46 19.19
C LEU B 414 -6.91 -12.58 20.29
N SER B 415 -6.33 -11.43 20.56
CA SER B 415 -6.84 -10.50 21.58
C SER B 415 -6.33 -9.12 21.19
N PRO B 416 -7.19 -8.09 21.23
CA PRO B 416 -8.62 -8.03 21.59
C PRO B 416 -9.51 -8.93 20.72
N PHE B 417 -10.64 -9.37 21.28
CA PHE B 417 -11.54 -10.27 20.57
C PHE B 417 -13.00 -10.01 20.95
N TYR B 418 -13.91 -10.44 20.07
CA TYR B 418 -15.35 -10.31 20.26
C TYR B 418 -15.89 -11.69 20.57
N TYR B 419 -16.21 -11.93 21.84
CA TYR B 419 -16.73 -13.24 22.24
C TYR B 419 -18.24 -13.31 22.33
N TYR B 420 -18.75 -14.52 22.35
CA TYR B 420 -20.18 -14.75 22.53
C TYR B 420 -20.39 -14.73 24.05
N GLN B 421 -21.64 -14.80 24.49
CA GLN B 421 -21.94 -14.81 25.93
C GLN B 421 -23.10 -15.73 26.16
N ILE B 422 -23.26 -16.19 27.39
CA ILE B 422 -24.39 -17.06 27.74
C ILE B 422 -25.62 -16.15 27.73
N GLU B 423 -26.73 -16.63 27.19
CA GLU B 423 -27.95 -15.84 27.16
C GLU B 423 -28.29 -15.44 28.60
N PRO B 424 -28.29 -14.13 28.87
CA PRO B 424 -28.55 -13.50 30.18
C PRO B 424 -29.69 -14.06 31.02
N TRP B 425 -30.86 -14.30 30.41
CA TRP B 425 -32.00 -14.83 31.17
C TRP B 425 -31.70 -16.17 31.84
N LYS B 426 -30.58 -16.77 31.48
CA LYS B 426 -30.19 -18.05 32.06
C LYS B 426 -29.29 -17.92 33.28
N THR B 427 -28.73 -16.73 33.48
CA THR B 427 -27.84 -16.49 34.61
C THR B 427 -28.32 -15.38 35.54
N HIS B 428 -29.26 -14.57 35.06
CA HIS B 428 -29.79 -13.47 35.83
C HIS B 428 -30.74 -13.90 36.93
N ILE B 429 -30.56 -13.30 38.10
CA ILE B 429 -31.40 -13.56 39.25
C ILE B 429 -32.07 -12.23 39.54
N TRP B 430 -33.38 -12.19 39.30
CA TRP B 430 -34.19 -10.98 39.45
C TRP B 430 -34.29 -10.37 40.85
N GLN B 431 -34.28 -9.04 40.88
CA GLN B 431 -34.38 -8.28 42.13
C GLN B 431 -35.80 -8.36 42.69
N ASN B 432 -36.78 -8.43 41.78
CA ASN B 432 -38.21 -8.51 42.15
C ASN B 432 -38.53 -9.69 43.08
CHA HEM C . 17.90 11.39 -14.36
CHB HEM C . 14.28 8.77 -16.05
CHC HEM C . 16.05 4.97 -13.80
CHD HEM C . 19.19 7.80 -11.58
C1A HEM C . 16.84 10.96 -15.11
C2A HEM C . 16.19 11.80 -16.10
C3A HEM C . 15.12 11.07 -16.52
C4A HEM C . 15.16 9.82 -15.80
CMA HEM C . 14.06 11.42 -17.52
CAA HEM C . 16.75 13.17 -16.58
CBA HEM C . 17.57 12.95 -17.84
CGA HEM C . 18.36 14.17 -18.22
O1A HEM C . 19.60 14.07 -18.28
O2A HEM C . 17.74 15.24 -18.46
C1B HEM C . 14.38 7.51 -15.55
C2B HEM C . 13.52 6.46 -15.93
C3B HEM C . 14.00 5.33 -15.31
C4B HEM C . 15.19 5.78 -14.55
CMB HEM C . 12.31 6.61 -16.85
CAB HEM C . 13.50 4.04 -15.50
CBB HEM C . 13.48 2.95 -14.64
C1C HEM C . 17.13 5.39 -13.06
C2C HEM C . 17.98 4.50 -12.32
C3C HEM C . 18.86 5.35 -11.64
C4C HEM C . 18.52 6.69 -12.03
CMC HEM C . 17.88 2.96 -12.37
CAC HEM C . 19.89 5.08 -10.74
CBC HEM C . 20.20 3.83 -10.23
C1D HEM C . 19.00 9.09 -12.00
C2D HEM C . 19.97 10.15 -11.71
C3D HEM C . 19.65 11.13 -12.56
C4D HEM C . 18.48 10.69 -13.32
CMD HEM C . 21.09 10.18 -10.69
CAD HEM C . 20.43 12.42 -12.72
CBD HEM C . 21.49 12.39 -13.81
CGD HEM C . 22.12 13.76 -14.02
O1D HEM C . 22.70 14.01 -15.10
O2D HEM C . 22.03 14.58 -13.10
NA HEM C . 16.21 9.77 -14.95
NB HEM C . 15.38 7.11 -14.71
NC HEM C . 17.49 6.71 -12.90
ND HEM C . 18.08 9.46 -12.94
FE HEM C . 16.57 8.34 -13.63
N1 H4B D . 16.00 19.26 -16.79
C2 H4B D . 16.40 18.03 -17.15
N2 H4B D . 15.61 16.99 -16.90
N3 H4B D . 17.57 17.83 -17.75
C4 H4B D . 18.38 18.85 -18.02
O4 H4B D . 19.44 18.70 -18.61
C4A H4B D . 18.03 20.16 -17.62
C8A H4B D . 16.79 20.32 -16.96
N5 H4B D . 18.83 21.20 -17.86
N8 H4B D . 16.41 21.53 -16.53
C6 H4B D . 18.48 22.39 -17.39
C7 H4B D . 17.25 22.61 -16.71
C9 H4B D . 19.42 23.54 -17.71
O9 H4B D . 19.24 24.03 -19.04
C10 H4B D . 19.20 24.69 -16.73
C11 H4B D . 20.14 25.85 -17.06
O10 H4B D . 19.49 24.23 -15.40
N8 AS3 E . 15.80 7.84 -18.85
C1 AS3 E . 16.99 8.00 -18.25
N6 AS3 E . 17.84 8.99 -18.67
C5 AS3 E . 19.06 9.18 -18.08
C9 AS3 E . 19.94 10.29 -18.61
C10 AS3 E . 20.54 10.00 -19.99
C11 AS3 E . 21.47 8.79 -19.95
C4 AS3 E . 19.45 8.34 -17.03
C3 AS3 E . 18.61 7.34 -16.60
C7 AS3 E . 19.04 6.43 -15.47
C2 AS3 E . 17.37 7.16 -17.21
CHA HEM F . -20.04 -11.18 11.13
CHB HEM F . -20.28 -8.34 7.28
CHC HEM F . -18.74 -4.70 9.89
CHD HEM F . -17.85 -7.75 13.56
C1A HEM F . -20.38 -10.68 9.89
C2A HEM F . -21.09 -11.44 8.85
C3A HEM F . -21.08 -10.65 7.76
C4A HEM F . -20.42 -9.43 8.14
CMA HEM F . -21.66 -10.99 6.41
CAA HEM F . -21.84 -12.76 8.97
CBA HEM F . -23.22 -12.47 9.55
CGA HEM F . -23.98 -13.73 9.92
O1A HEM F . -24.61 -13.73 11.01
O2A HEM F . -23.95 -14.71 9.16
C1B HEM F . -19.77 -7.12 7.59
C2B HEM F . -19.82 -6.04 6.69
C3B HEM F . -19.45 -4.92 7.40
C4B HEM F . -19.14 -5.42 8.78
CMB HEM F . -20.17 -6.19 5.23
CAB HEM F . -19.46 -3.63 6.85
CBB HEM F . -18.55 -2.60 7.15
C1C HEM F . -18.41 -5.22 11.17
C2C HEM F . -18.04 -4.41 12.33
C3C HEM F . -17.71 -5.30 13.36
C4C HEM F . -17.93 -6.61 12.78
CMC HEM F . -18.09 -2.88 12.34
CAC HEM F . -17.26 -5.05 14.65
CBC HEM F . -16.66 -3.82 15.09
C1D HEM F . -18.24 -9.01 13.20
C2D HEM F . -18.31 -10.09 14.11
C3D HEM F . -18.99 -11.04 13.46
C4D HEM F . -19.28 -10.54 12.13
CMD HEM F . -17.75 -10.19 15.54
CAD HEM F . -19.48 -12.31 14.12
CBD HEM F . -20.98 -12.31 14.41
CGD HEM F . -21.48 -13.66 14.94
O1D HEM F . -22.69 -13.80 15.21
O2D HEM F . -20.65 -14.58 15.09
NA HEM F . -20.01 -9.45 9.43
NB HEM F . -19.32 -6.76 8.84
NC HEM F . -18.34 -6.55 11.47
ND HEM F . -18.80 -9.29 11.98
FE HEM F . -18.83 -8.09 10.31
N1 H4B G . -22.01 -18.84 8.02
C2 H4B G . -22.41 -17.63 8.42
N2 H4B G . -21.83 -16.55 7.91
N3 H4B G . -23.40 -17.47 9.31
C4 H4B G . -24.03 -18.54 9.81
O4 H4B G . -25.07 -18.43 10.47
C4A H4B G . -23.52 -19.84 9.56
C8A H4B G . -22.48 -19.94 8.61
N5 H4B G . -24.01 -20.91 10.17
N8 H4B G . -21.97 -21.14 8.31
C6 H4B G . -23.60 -22.11 9.77
C7 H4B G . -22.56 -22.27 8.82
C9 H4B G . -24.20 -23.30 10.50
O9 H4B G . -25.38 -23.80 9.88
C10 H4B G . -23.16 -24.43 10.62
C11 H4B G . -23.80 -25.66 11.27
O10 H4B G . -22.04 -23.99 11.41
N8 AS3 H . -23.34 -7.28 7.61
C1 AS3 H . -23.23 -7.50 8.94
N6 AS3 H . -24.00 -8.46 9.52
C5 AS3 H . -23.96 -8.72 10.85
C9 AS3 H . -24.86 -9.80 11.39
C10 AS3 H . -26.34 -9.40 11.45
C11 AS3 H . -26.60 -8.34 12.52
C4 AS3 H . -23.08 -7.98 11.65
C3 AS3 H . -22.29 -6.99 11.09
C7 AS3 H . -21.36 -6.20 11.96
C2 AS3 H . -22.36 -6.74 9.72
#